data_5E2J
#
_entry.id   5E2J
#
_cell.length_a   55.421
_cell.length_b   144.374
_cell.length_c   158.704
_cell.angle_alpha   90.00
_cell.angle_beta   90.00
_cell.angle_gamma   90.00
#
_symmetry.space_group_name_H-M   'P 21 21 21'
#
loop_
_entity.id
_entity.type
_entity.pdbx_description
1 polymer Endoglucanase
2 non-polymer 'CALCIUM ION'
3 non-polymer 'ZINC ION'
4 non-polymer (4S)-2-METHYL-2,4-PENTANEDIOL
5 water water
#
_entity_poly.entity_id   1
_entity_poly.type   'polypeptide(L)'
_entity_poly.pdbx_seq_one_letter_code
;MASMTGGQQMGRGSEFELRRRFDMPSRVPKSIFYNQVGYLISGDKRFWIQAHEPQPFALRTPEGQAVFAGMTKPVGGNWY
VGDFTALRVPGTYTLTVGTLEARVVIHRRAYRDVLEAMLRFFDYQLCGVVLPEDEAGPWAHGACHTSDAKVFGTERALAC
PGGWHDAGDYGKYTVPAAKAVADLLLAHEYFPAALAHVRPMRSVHRAPHLPPALEVAREEIAWLLTMQDPATGGVYHKVT
TPSFPPLDTRPEDDDAPLVLSPISYAATATFCAAMAHAALVYRPFDPALSSCCADAARRAYAWLGAHEMQPFHNPDGILT
GEYGDAELRDELLWASCALLRMTGDSAWARVCEPLLDLDLPWELGWADVALYGVMDYLRTPRAAVSDDVRNKVKSRLLRE
LDALAAMAESHPFGIPMRDDDFIWGSNMVLLNRAMAFLLAEGVGVLHPAAHTVAQRAADYLFGANPLGQCYVTGFGQRPV
RHPHHRPSVAADVDHPVPGMVVGGPNRHLQDEIARAQLAGRPAMEAYIDHQDSYSTNEVAVYWNSPAVFVIAALLEARGR
AALEHHHHHH
;
_entity_poly.pdbx_strand_id   A,B
#
loop_
_chem_comp.id
_chem_comp.type
_chem_comp.name
_chem_comp.formula
CA non-polymer 'CALCIUM ION' 'Ca 2'
MPD non-polymer (4S)-2-METHYL-2,4-PENTANEDIOL 'C6 H14 O2'
ZN non-polymer 'ZINC ION' 'Zn 2'
#
# COMPACT_ATOMS: atom_id res chain seq x y z
N PRO A 29 20.17 22.23 -29.64
CA PRO A 29 19.80 21.66 -28.35
C PRO A 29 20.90 20.78 -27.77
N LYS A 30 22.08 21.36 -27.57
CA LYS A 30 23.20 20.63 -26.99
C LYS A 30 22.90 20.30 -25.53
N SER A 31 22.52 19.06 -25.28
CA SER A 31 22.08 18.67 -23.94
C SER A 31 22.43 17.23 -23.60
N ILE A 32 22.34 16.91 -22.31
CA ILE A 32 22.52 15.54 -21.85
C ILE A 32 21.18 14.81 -21.86
N PHE A 33 21.14 13.67 -22.56
CA PHE A 33 19.91 12.89 -22.66
C PHE A 33 19.99 11.67 -21.75
N TYR A 34 18.96 11.48 -20.94
CA TYR A 34 19.00 10.48 -19.87
C TYR A 34 17.62 10.01 -19.46
N ASN A 35 17.57 8.99 -18.61
CA ASN A 35 16.31 8.52 -18.03
C ASN A 35 15.83 9.52 -16.99
N GLN A 36 14.82 10.30 -17.35
CA GLN A 36 14.36 11.41 -16.51
C GLN A 36 13.51 10.93 -15.33
N VAL A 37 13.07 9.69 -15.37
CA VAL A 37 12.33 9.11 -14.24
C VAL A 37 13.32 8.66 -13.18
N GLY A 38 14.42 8.06 -13.61
CA GLY A 38 15.47 7.67 -12.69
C GLY A 38 16.17 6.37 -13.07
N TYR A 39 17.02 5.89 -12.17
CA TYR A 39 17.73 4.64 -12.36
C TYR A 39 17.62 3.76 -11.13
N LEU A 40 17.52 2.45 -11.35
CA LEU A 40 17.48 1.50 -10.25
C LEU A 40 18.87 1.37 -9.63
N ILE A 41 18.93 1.18 -8.32
CA ILE A 41 20.19 0.98 -7.61
C ILE A 41 20.99 -0.17 -8.22
N SER A 42 20.32 -1.29 -8.44
CA SER A 42 20.96 -2.47 -8.98
C SER A 42 20.78 -2.58 -10.50
N GLY A 43 20.35 -1.49 -11.13
CA GLY A 43 20.08 -1.50 -12.55
C GLY A 43 21.19 -0.86 -13.39
N ASP A 44 21.08 -1.04 -14.71
CA ASP A 44 22.04 -0.45 -15.64
C ASP A 44 21.79 1.05 -15.77
N LYS A 45 22.86 1.84 -15.83
CA LYS A 45 22.74 3.30 -15.86
C LYS A 45 23.54 3.90 -17.02
N ARG A 46 22.87 4.68 -17.86
CA ARG A 46 23.50 5.24 -19.05
C ARG A 46 22.93 6.61 -19.41
N PHE A 47 23.79 7.51 -19.89
CA PHE A 47 23.34 8.78 -20.43
C PHE A 47 23.88 8.98 -21.85
N TRP A 48 23.25 9.86 -22.61
CA TRP A 48 23.63 10.10 -24.00
C TRP A 48 24.02 11.56 -24.26
N ILE A 49 25.03 11.77 -25.10
CA ILE A 49 25.39 13.10 -25.57
C ILE A 49 25.83 13.07 -27.04
N GLN A 50 25.77 14.22 -27.70
CA GLN A 50 26.30 14.37 -29.05
C GLN A 50 27.76 14.81 -29.00
N ALA A 51 28.64 14.05 -29.66
CA ALA A 51 30.07 14.36 -29.66
C ALA A 51 30.81 13.70 -30.81
N HIS A 52 32.10 14.02 -30.94
CA HIS A 52 32.94 13.43 -31.99
C HIS A 52 34.15 12.70 -31.42
N GLU A 53 34.24 12.69 -30.09
CA GLU A 53 35.31 11.99 -29.39
C GLU A 53 34.91 11.66 -27.95
N PRO A 54 35.58 10.67 -27.34
CA PRO A 54 35.32 10.35 -25.94
C PRO A 54 35.59 11.53 -25.01
N GLN A 55 34.73 11.70 -24.01
CA GLN A 55 34.88 12.77 -23.03
C GLN A 55 34.82 12.22 -21.62
N PRO A 56 35.64 12.78 -20.73
CA PRO A 56 35.54 12.42 -19.30
C PRO A 56 34.25 12.97 -18.70
N PHE A 57 33.66 12.24 -17.76
CA PHE A 57 32.48 12.73 -17.05
C PHE A 57 32.59 12.41 -15.58
N ALA A 58 31.73 13.04 -14.77
CA ALA A 58 31.74 12.81 -13.35
C ALA A 58 30.36 13.07 -12.73
N LEU A 59 30.06 12.34 -11.66
CA LEU A 59 28.84 12.57 -10.91
C LEU A 59 29.21 12.99 -9.49
N ARG A 60 28.51 14.00 -8.98
CA ARG A 60 28.81 14.51 -7.65
C ARG A 60 27.56 14.57 -6.77
N THR A 61 27.77 14.45 -5.47
CA THR A 61 26.69 14.61 -4.49
C THR A 61 26.15 16.03 -4.56
N PRO A 62 24.95 16.26 -4.01
CA PRO A 62 24.40 17.62 -3.95
C PRO A 62 25.33 18.63 -3.26
N GLU A 63 26.26 18.12 -2.45
CA GLU A 63 27.19 18.97 -1.72
C GLU A 63 28.47 19.21 -2.53
N GLY A 64 28.64 18.46 -3.61
CA GLY A 64 29.75 18.68 -4.53
C GLY A 64 30.85 17.64 -4.50
N GLN A 65 30.66 16.57 -3.76
CA GLN A 65 31.67 15.52 -3.65
C GLN A 65 31.62 14.56 -4.84
N ALA A 66 32.73 14.45 -5.57
CA ALA A 66 32.82 13.53 -6.69
C ALA A 66 32.82 12.08 -6.21
N VAL A 67 31.86 11.32 -6.69
CA VAL A 67 31.69 9.93 -6.25
C VAL A 67 31.87 8.93 -7.40
N PHE A 68 31.83 9.41 -8.63
CA PHE A 68 31.98 8.54 -9.79
C PHE A 68 32.52 9.32 -10.99
N ALA A 69 33.31 8.64 -11.81
CA ALA A 69 33.85 9.23 -13.04
C ALA A 69 34.09 8.16 -14.09
N GLY A 70 34.17 8.59 -15.35
CA GLY A 70 34.43 7.66 -16.44
C GLY A 70 34.65 8.36 -17.77
N MET A 71 34.61 7.58 -18.84
CA MET A 71 34.77 8.11 -20.19
C MET A 71 33.60 7.73 -21.08
N THR A 72 33.14 8.67 -21.89
CA THR A 72 32.09 8.38 -22.85
C THR A 72 32.64 7.53 -23.99
N LYS A 73 31.76 6.80 -24.66
CA LYS A 73 32.17 5.92 -25.75
C LYS A 73 31.18 6.03 -26.92
N PRO A 74 31.68 5.87 -28.15
CA PRO A 74 30.83 6.00 -29.34
C PRO A 74 29.84 4.85 -29.50
N VAL A 75 28.64 5.16 -29.97
CA VAL A 75 27.63 4.14 -30.22
C VAL A 75 26.99 4.32 -31.60
N GLY A 76 27.66 5.07 -32.46
CA GLY A 76 27.16 5.28 -33.80
C GLY A 76 26.60 6.67 -34.00
N GLY A 77 26.75 7.18 -35.23
CA GLY A 77 26.32 8.52 -35.55
C GLY A 77 27.09 9.56 -34.75
N ASN A 78 26.38 10.58 -34.29
CA ASN A 78 26.96 11.63 -33.46
C ASN A 78 26.87 11.32 -31.98
N TRP A 79 26.41 10.11 -31.65
CA TRP A 79 26.06 9.78 -30.27
C TRP A 79 27.18 9.11 -29.47
N TYR A 80 27.33 9.56 -28.24
CA TYR A 80 28.25 8.95 -27.28
C TYR A 80 27.51 8.66 -25.98
N VAL A 81 27.88 7.57 -25.31
CA VAL A 81 27.21 7.19 -24.07
C VAL A 81 28.16 7.15 -22.88
N GLY A 82 27.62 7.42 -21.69
CA GLY A 82 28.38 7.30 -20.46
C GLY A 82 27.75 6.27 -19.56
N ASP A 83 28.59 5.43 -18.95
CA ASP A 83 28.11 4.33 -18.13
C ASP A 83 28.48 4.53 -16.67
N PHE A 84 27.46 4.70 -15.82
CA PHE A 84 27.69 4.85 -14.38
C PHE A 84 26.89 3.82 -13.57
N THR A 85 26.71 2.64 -14.16
CA THR A 85 25.99 1.53 -13.53
C THR A 85 26.54 1.18 -12.15
N ALA A 86 27.85 1.25 -12.00
CA ALA A 86 28.52 0.83 -10.77
C ALA A 86 28.20 1.74 -9.59
N LEU A 87 27.62 2.92 -9.87
CA LEU A 87 27.21 3.83 -8.80
C LEU A 87 25.93 3.32 -8.16
N ARG A 88 26.04 2.81 -6.93
CA ARG A 88 24.94 2.09 -6.29
C ARG A 88 24.23 2.89 -5.20
N VAL A 89 24.92 3.85 -4.60
CA VAL A 89 24.32 4.66 -3.55
C VAL A 89 23.20 5.53 -4.09
N PRO A 90 21.98 5.36 -3.55
CA PRO A 90 20.81 6.12 -4.00
C PRO A 90 20.91 7.61 -3.68
N GLY A 91 20.25 8.44 -4.49
CA GLY A 91 20.26 9.87 -4.27
C GLY A 91 20.21 10.65 -5.58
N THR A 92 20.24 11.97 -5.47
CA THR A 92 20.24 12.84 -6.66
C THR A 92 21.65 13.34 -6.93
N TYR A 93 22.18 12.99 -8.10
CA TYR A 93 23.56 13.33 -8.44
C TYR A 93 23.64 14.34 -9.57
N THR A 94 24.68 15.17 -9.53
CA THR A 94 24.90 16.14 -10.59
C THR A 94 25.89 15.58 -11.61
N LEU A 95 25.38 15.27 -12.79
CA LEU A 95 26.22 14.73 -13.86
C LEU A 95 26.81 15.85 -14.71
N THR A 96 28.14 15.82 -14.86
CA THR A 96 28.83 16.81 -15.67
C THR A 96 29.70 16.17 -16.74
N VAL A 97 29.61 16.70 -17.95
CA VAL A 97 30.46 16.27 -19.06
C VAL A 97 30.62 17.42 -20.04
N GLY A 98 31.87 17.81 -20.30
CA GLY A 98 32.14 18.99 -21.07
C GLY A 98 31.66 20.21 -20.32
N THR A 99 30.86 21.04 -20.98
CA THR A 99 30.27 22.21 -20.34
C THR A 99 28.84 21.94 -19.91
N LEU A 100 28.38 20.72 -20.21
CA LEU A 100 26.98 20.37 -19.98
C LEU A 100 26.73 19.82 -18.59
N GLU A 101 25.53 20.02 -18.09
CA GLU A 101 25.16 19.59 -16.74
C GLU A 101 23.78 18.97 -16.72
N ALA A 102 23.58 18.01 -15.82
CA ALA A 102 22.29 17.35 -15.67
C ALA A 102 22.19 16.68 -14.31
N ARG A 103 20.97 16.55 -13.78
CA ARG A 103 20.76 15.89 -12.51
C ARG A 103 20.00 14.57 -12.71
N VAL A 104 20.66 13.48 -12.35
CA VAL A 104 20.07 12.15 -12.43
C VAL A 104 19.81 11.61 -11.03
N VAL A 105 18.76 10.81 -10.89
CA VAL A 105 18.44 10.25 -9.58
C VAL A 105 18.56 8.73 -9.61
N ILE A 106 19.12 8.19 -8.53
CA ILE A 106 19.21 6.75 -8.33
C ILE A 106 18.33 6.38 -7.14
N HIS A 107 17.40 5.47 -7.37
CA HIS A 107 16.47 5.07 -6.33
C HIS A 107 16.30 3.56 -6.34
N ARG A 108 15.99 2.99 -5.18
CA ARG A 108 15.88 1.54 -5.04
C ARG A 108 14.79 0.99 -5.96
N ARG A 109 13.68 1.71 -6.03
CA ARG A 109 12.59 1.37 -6.94
C ARG A 109 12.16 2.63 -7.70
N ALA A 110 13.03 3.10 -8.58
CA ALA A 110 12.82 4.38 -9.27
C ALA A 110 11.57 4.40 -10.15
N TYR A 111 11.18 3.22 -10.65
CA TYR A 111 10.05 3.14 -11.57
C TYR A 111 8.78 2.70 -10.86
N ARG A 112 8.81 2.78 -9.53
CA ARG A 112 7.68 2.39 -8.70
C ARG A 112 6.43 3.23 -8.98
N ASP A 113 6.58 4.55 -8.97
CA ASP A 113 5.44 5.44 -9.13
C ASP A 113 4.91 5.48 -10.54
N VAL A 114 5.80 5.38 -11.53
CA VAL A 114 5.37 5.42 -12.92
C VAL A 114 4.64 4.14 -13.32
N LEU A 115 5.03 3.02 -12.70
CA LEU A 115 4.34 1.76 -12.95
C LEU A 115 2.93 1.84 -12.39
N GLU A 116 2.81 2.43 -11.21
CA GLU A 116 1.53 2.61 -10.54
C GLU A 116 0.58 3.45 -11.38
N ALA A 117 1.10 4.56 -11.91
CA ALA A 117 0.30 5.47 -12.72
C ALA A 117 -0.09 4.84 -14.06
N MET A 118 0.76 3.96 -14.56
CA MET A 118 0.49 3.27 -15.82
C MET A 118 -0.68 2.30 -15.70
N LEU A 119 -0.77 1.61 -14.57
CA LEU A 119 -1.87 0.68 -14.35
C LEU A 119 -3.14 1.42 -13.95
N ARG A 120 -2.97 2.53 -13.22
CA ARG A 120 -4.09 3.35 -12.80
C ARG A 120 -4.75 4.05 -13.99
N PHE A 121 -4.02 4.13 -15.09
CA PHE A 121 -4.55 4.71 -16.33
C PHE A 121 -5.76 3.93 -16.83
N PHE A 122 -5.73 2.61 -16.66
CA PHE A 122 -6.84 1.77 -17.09
C PHE A 122 -8.11 2.07 -16.30
N ASP A 123 -7.95 2.39 -15.03
CA ASP A 123 -9.08 2.77 -14.20
C ASP A 123 -9.65 4.11 -14.62
N TYR A 124 -8.77 5.00 -15.07
CA TYR A 124 -9.18 6.31 -15.56
C TYR A 124 -10.03 6.18 -16.83
N GLN A 125 -9.79 5.10 -17.57
CA GLN A 125 -10.48 4.88 -18.84
C GLN A 125 -11.78 4.11 -18.67
N LEU A 126 -12.11 3.74 -17.44
CA LEU A 126 -13.31 2.96 -17.15
C LEU A 126 -14.57 3.64 -17.66
N CYS A 127 -15.45 2.85 -18.28
CA CYS A 127 -16.64 3.38 -18.93
C CYS A 127 -17.92 2.86 -18.28
N GLY A 128 -18.96 3.69 -18.28
CA GLY A 128 -20.24 3.32 -17.71
C GLY A 128 -20.18 3.15 -16.20
N VAL A 129 -19.17 3.74 -15.59
CA VAL A 129 -18.95 3.61 -14.14
C VAL A 129 -18.42 4.91 -13.55
N VAL A 130 -18.99 5.31 -12.41
CA VAL A 130 -18.62 6.54 -11.73
C VAL A 130 -17.21 6.47 -11.12
N LEU A 131 -16.37 7.44 -11.46
CA LEU A 131 -15.04 7.57 -10.87
C LEU A 131 -15.05 8.59 -9.74
N PRO A 132 -14.82 8.14 -8.51
CA PRO A 132 -14.84 9.01 -7.33
C PRO A 132 -13.79 10.11 -7.39
N GLU A 133 -14.15 11.31 -6.95
CA GLU A 133 -13.27 12.47 -7.02
C GLU A 133 -12.00 12.29 -6.19
N ASP A 134 -12.12 11.59 -5.06
CA ASP A 134 -10.97 11.37 -4.18
C ASP A 134 -9.94 10.46 -4.83
N GLU A 135 -10.30 9.81 -5.92
CA GLU A 135 -9.40 8.93 -6.63
C GLU A 135 -9.06 9.43 -8.03
N ALA A 136 -10.07 9.95 -8.73
CA ALA A 136 -9.89 10.38 -10.11
C ALA A 136 -9.57 11.87 -10.23
N GLY A 137 -9.77 12.60 -9.15
CA GLY A 137 -9.46 14.02 -9.12
C GLY A 137 -10.31 14.85 -10.07
N PRO A 138 -9.67 15.71 -10.87
CA PRO A 138 -10.35 16.63 -11.79
C PRO A 138 -10.89 15.95 -13.06
N TRP A 139 -10.65 14.65 -13.20
CA TRP A 139 -11.15 13.91 -14.35
C TRP A 139 -12.25 12.95 -13.92
N ALA A 140 -12.89 13.28 -12.80
CA ALA A 140 -13.91 12.40 -12.22
C ALA A 140 -15.24 12.49 -12.95
N HIS A 141 -16.01 11.41 -12.85
CA HIS A 141 -17.35 11.30 -13.40
C HIS A 141 -17.99 10.18 -12.57
N GLY A 142 -19.28 9.85 -12.69
CA GLY A 142 -20.17 10.24 -13.77
C GLY A 142 -20.22 9.01 -14.66
N ALA A 143 -21.40 8.69 -15.20
CA ALA A 143 -21.52 7.49 -16.00
C ALA A 143 -21.74 7.80 -17.47
N CYS A 144 -20.72 7.52 -18.29
CA CYS A 144 -20.80 7.80 -19.71
C CYS A 144 -21.25 6.59 -20.53
N HIS A 145 -21.99 6.86 -21.60
CA HIS A 145 -22.45 5.82 -22.53
C HIS A 145 -23.20 4.70 -21.83
N THR A 146 -24.23 5.06 -21.08
CA THR A 146 -25.06 4.07 -20.38
C THR A 146 -26.12 3.53 -21.33
N SER A 147 -26.25 4.18 -22.49
CA SER A 147 -27.23 3.80 -23.50
C SER A 147 -27.10 2.34 -23.92
N ASP A 148 -28.22 1.63 -23.92
CA ASP A 148 -28.25 0.26 -24.43
C ASP A 148 -27.91 0.26 -25.92
N ALA A 149 -26.82 -0.43 -26.26
CA ALA A 149 -26.32 -0.44 -27.63
C ALA A 149 -27.25 -1.17 -28.58
N LYS A 150 -27.68 -0.47 -29.62
CA LYS A 150 -28.47 -1.07 -30.69
C LYS A 150 -27.57 -1.87 -31.63
N VAL A 151 -27.93 -3.12 -31.88
CA VAL A 151 -27.19 -3.93 -32.84
C VAL A 151 -27.37 -3.34 -34.23
N PHE A 152 -26.29 -3.29 -35.00
CA PHE A 152 -26.33 -2.67 -36.32
C PHE A 152 -27.31 -3.39 -37.25
N GLY A 153 -28.24 -2.61 -37.81
CA GLY A 153 -29.20 -3.15 -38.76
C GLY A 153 -30.49 -3.63 -38.12
N THR A 154 -30.49 -3.75 -36.79
CA THR A 154 -31.66 -4.25 -36.07
C THR A 154 -32.05 -3.35 -34.92
N GLU A 155 -33.16 -3.69 -34.26
CA GLU A 155 -33.68 -2.89 -33.16
C GLU A 155 -33.55 -3.58 -31.81
N ARG A 156 -32.94 -4.77 -31.81
CA ARG A 156 -32.64 -5.44 -30.56
C ARG A 156 -31.44 -4.75 -29.89
N ALA A 157 -31.44 -4.73 -28.56
CA ALA A 157 -30.41 -3.99 -27.83
C ALA A 157 -29.89 -4.76 -26.62
N LEU A 158 -28.57 -4.73 -26.45
CA LEU A 158 -27.93 -5.32 -25.27
C LEU A 158 -27.21 -4.25 -24.48
N ALA A 159 -27.12 -4.43 -23.17
CA ALA A 159 -26.36 -3.52 -22.34
C ALA A 159 -24.87 -3.87 -22.41
N CYS A 160 -24.08 -2.97 -22.97
CA CYS A 160 -22.64 -3.18 -23.08
C CYS A 160 -21.87 -2.12 -22.33
N PRO A 161 -21.85 -2.21 -20.99
CA PRO A 161 -21.14 -1.23 -20.16
C PRO A 161 -19.68 -1.62 -19.95
N GLY A 162 -18.78 -0.66 -20.14
CA GLY A 162 -17.36 -0.92 -20.03
C GLY A 162 -16.90 -1.38 -18.66
N GLY A 163 -15.64 -1.77 -18.56
CA GLY A 163 -14.75 -1.76 -19.71
C GLY A 163 -13.96 -0.47 -19.79
N TRP A 164 -13.10 -0.37 -20.80
CA TRP A 164 -12.24 0.79 -20.97
C TRP A 164 -12.53 1.54 -22.25
N HIS A 165 -12.44 2.87 -22.19
CA HIS A 165 -12.35 3.66 -23.40
C HIS A 165 -11.02 3.31 -24.07
N ASP A 166 -11.06 2.99 -25.35
CA ASP A 166 -9.90 2.46 -26.05
C ASP A 166 -8.70 3.42 -26.04
N ALA A 167 -8.87 4.56 -26.70
CA ALA A 167 -7.78 5.51 -26.88
C ALA A 167 -8.13 6.89 -26.35
N GLY A 168 -7.83 7.92 -27.15
CA GLY A 168 -8.24 9.27 -26.84
C GLY A 168 -9.75 9.40 -27.03
N ASP A 169 -10.31 8.53 -27.85
CA ASP A 169 -11.75 8.49 -28.06
C ASP A 169 -12.41 7.70 -26.93
N TYR A 170 -13.72 7.48 -27.06
CA TYR A 170 -14.47 6.77 -26.03
C TYR A 170 -14.98 5.42 -26.52
N GLY A 171 -14.64 5.08 -27.75
CA GLY A 171 -15.08 3.82 -28.34
C GLY A 171 -14.50 2.61 -27.63
N LYS A 172 -15.23 1.51 -27.66
CA LYS A 172 -14.78 0.27 -27.05
C LYS A 172 -14.70 -0.84 -28.10
N TYR A 173 -13.51 -1.39 -28.28
CA TYR A 173 -13.26 -2.35 -29.36
C TYR A 173 -12.73 -3.67 -28.81
N THR A 174 -13.21 -4.77 -29.38
CA THR A 174 -12.88 -6.10 -28.88
C THR A 174 -11.44 -6.52 -29.15
N VAL A 175 -10.99 -6.34 -30.39
CA VAL A 175 -9.66 -6.78 -30.81
C VAL A 175 -8.51 -6.17 -29.99
N PRO A 176 -8.46 -4.83 -29.87
CA PRO A 176 -7.33 -4.30 -29.09
C PRO A 176 -7.49 -4.54 -27.59
N ALA A 177 -8.71 -4.78 -27.15
CA ALA A 177 -8.98 -5.09 -25.75
C ALA A 177 -8.31 -6.38 -25.35
N ALA A 178 -8.32 -7.36 -26.27
CA ALA A 178 -7.72 -8.65 -26.02
C ALA A 178 -6.23 -8.53 -25.75
N LYS A 179 -5.57 -7.62 -26.45
CA LYS A 179 -4.15 -7.39 -26.24
C LYS A 179 -3.89 -6.77 -24.87
N ALA A 180 -4.65 -5.74 -24.54
CA ALA A 180 -4.54 -5.04 -23.26
C ALA A 180 -4.76 -6.00 -22.10
N VAL A 181 -5.76 -6.87 -22.24
CA VAL A 181 -6.04 -7.87 -21.21
C VAL A 181 -4.89 -8.87 -21.12
N ALA A 182 -4.50 -9.43 -22.26
CA ALA A 182 -3.44 -10.43 -22.32
C ALA A 182 -2.14 -9.91 -21.70
N ASP A 183 -1.78 -8.67 -22.02
CA ASP A 183 -0.55 -8.09 -21.51
C ASP A 183 -0.58 -7.94 -19.99
N LEU A 184 -1.68 -7.43 -19.45
CA LEU A 184 -1.81 -7.25 -18.02
C LEU A 184 -1.81 -8.59 -17.28
N LEU A 185 -2.45 -9.58 -17.89
CA LEU A 185 -2.47 -10.93 -17.32
C LEU A 185 -1.07 -11.53 -17.34
N LEU A 186 -0.35 -11.30 -18.43
CA LEU A 186 1.04 -11.78 -18.55
C LEU A 186 1.95 -11.07 -17.56
N ALA A 187 1.66 -9.80 -17.31
CA ALA A 187 2.42 -9.01 -16.35
C ALA A 187 2.27 -9.59 -14.95
N HIS A 188 1.06 -10.08 -14.65
CA HIS A 188 0.79 -10.69 -13.35
C HIS A 188 1.53 -12.02 -13.18
N GLU A 189 1.46 -12.86 -14.21
CA GLU A 189 2.08 -14.17 -14.16
C GLU A 189 3.59 -14.09 -14.06
N TYR A 190 4.17 -13.11 -14.74
CA TYR A 190 5.61 -12.97 -14.82
C TYR A 190 6.20 -12.21 -13.64
N PHE A 191 5.58 -11.09 -13.29
CA PHE A 191 6.12 -10.22 -12.25
C PHE A 191 5.06 -9.80 -11.23
N PRO A 192 4.62 -10.76 -10.38
CA PRO A 192 3.59 -10.47 -9.39
C PRO A 192 4.10 -9.61 -8.23
N ALA A 193 5.36 -9.78 -7.88
CA ALA A 193 5.93 -9.06 -6.74
C ALA A 193 6.00 -7.56 -6.99
N ALA A 194 6.39 -7.19 -8.20
CA ALA A 194 6.51 -5.78 -8.57
C ALA A 194 5.15 -5.10 -8.61
N LEU A 195 4.11 -5.88 -8.90
CA LEU A 195 2.76 -5.36 -9.02
C LEU A 195 1.93 -5.59 -7.76
N ALA A 196 2.53 -6.27 -6.79
CA ALA A 196 1.82 -6.72 -5.59
C ALA A 196 1.20 -5.58 -4.79
N HIS A 197 1.84 -4.42 -4.76
CA HIS A 197 1.39 -3.33 -3.91
C HIS A 197 1.18 -2.01 -4.64
N VAL A 198 0.88 -2.08 -5.93
CA VAL A 198 0.42 -0.88 -6.63
C VAL A 198 -1.07 -0.76 -6.34
N ARG A 199 -1.57 0.47 -6.20
CA ARG A 199 -2.96 0.65 -5.81
C ARG A 199 -3.80 1.30 -6.91
N PRO A 200 -4.69 0.51 -7.53
CA PRO A 200 -5.71 1.02 -8.45
C PRO A 200 -6.73 1.87 -7.71
N MET A 201 -7.69 2.46 -8.42
CA MET A 201 -8.71 3.28 -7.79
C MET A 201 -9.49 2.47 -6.75
N ARG A 202 -9.74 3.09 -5.59
CA ARG A 202 -10.17 2.38 -4.39
C ARG A 202 -11.56 1.75 -4.45
N SER A 203 -12.55 2.51 -4.94
CA SER A 203 -13.95 2.14 -4.77
C SER A 203 -14.64 1.63 -6.03
N VAL A 204 -13.91 0.91 -6.88
CA VAL A 204 -14.49 0.48 -8.15
C VAL A 204 -14.31 -1.01 -8.45
N HIS A 205 -13.78 -1.77 -7.50
CA HIS A 205 -13.57 -3.20 -7.73
C HIS A 205 -14.20 -4.05 -6.61
N ARG A 206 -14.58 -5.27 -6.94
CA ARG A 206 -15.37 -6.11 -6.03
C ARG A 206 -14.57 -7.25 -5.39
N ALA A 207 -15.30 -8.23 -4.86
CA ALA A 207 -14.71 -9.34 -4.11
C ALA A 207 -14.79 -10.66 -4.88
N PRO A 208 -13.80 -11.55 -4.68
CA PRO A 208 -12.60 -11.37 -3.85
C PRO A 208 -11.63 -10.38 -4.47
N HIS A 209 -11.07 -9.49 -3.65
CA HIS A 209 -10.15 -8.48 -4.17
C HIS A 209 -8.86 -9.14 -4.64
N LEU A 210 -8.56 -8.96 -5.92
CA LEU A 210 -7.47 -9.66 -6.58
C LEU A 210 -6.18 -8.84 -6.52
N PRO A 211 -5.04 -9.48 -6.82
CA PRO A 211 -3.82 -8.72 -7.07
C PRO A 211 -4.06 -7.62 -8.11
N PRO A 212 -3.52 -6.43 -7.88
CA PRO A 212 -3.81 -5.18 -8.61
C PRO A 212 -3.97 -5.34 -10.11
N ALA A 213 -3.06 -6.05 -10.76
CA ALA A 213 -3.15 -6.27 -12.20
C ALA A 213 -4.43 -7.03 -12.57
N LEU A 214 -4.72 -8.09 -11.81
CA LEU A 214 -5.93 -8.87 -12.03
C LEU A 214 -7.16 -8.08 -11.60
N GLU A 215 -6.99 -7.27 -10.57
CA GLU A 215 -8.07 -6.42 -10.06
C GLU A 215 -8.51 -5.41 -11.12
N VAL A 216 -7.54 -4.93 -11.89
CA VAL A 216 -7.79 -3.94 -12.93
C VAL A 216 -8.29 -4.57 -14.22
N ALA A 217 -7.63 -5.66 -14.62
CA ALA A 217 -7.93 -6.32 -15.89
C ALA A 217 -9.32 -6.97 -15.90
N ARG A 218 -9.82 -7.31 -14.72
CA ARG A 218 -11.12 -7.97 -14.59
C ARG A 218 -12.25 -7.12 -15.18
N GLU A 219 -12.13 -5.81 -15.03
CA GLU A 219 -13.17 -4.89 -15.51
C GLU A 219 -13.35 -4.96 -17.01
N GLU A 220 -12.25 -5.12 -17.74
CA GLU A 220 -12.31 -5.21 -19.20
C GLU A 220 -12.82 -6.58 -19.63
N ILE A 221 -12.44 -7.61 -18.88
CA ILE A 221 -12.89 -8.97 -19.14
C ILE A 221 -14.40 -9.07 -18.95
N ALA A 222 -14.90 -8.40 -17.90
CA ALA A 222 -16.33 -8.38 -17.61
C ALA A 222 -17.12 -7.78 -18.77
N TRP A 223 -16.64 -6.68 -19.31
CA TRP A 223 -17.29 -6.04 -20.45
C TRP A 223 -17.18 -6.90 -21.70
N LEU A 224 -16.01 -7.50 -21.91
CA LEU A 224 -15.77 -8.35 -23.07
C LEU A 224 -16.72 -9.54 -23.10
N LEU A 225 -17.03 -10.08 -21.92
CA LEU A 225 -17.97 -11.19 -21.80
C LEU A 225 -19.36 -10.80 -22.28
N THR A 226 -19.73 -9.55 -22.06
CA THR A 226 -21.05 -9.05 -22.47
C THR A 226 -21.06 -8.68 -23.95
N MET A 227 -19.93 -8.88 -24.62
CA MET A 227 -19.82 -8.60 -26.05
C MET A 227 -20.06 -9.86 -26.88
N GLN A 228 -20.18 -11.00 -26.20
CA GLN A 228 -20.41 -12.26 -26.89
C GLN A 228 -21.91 -12.55 -27.03
N ASP A 229 -22.35 -12.72 -28.28
CA ASP A 229 -23.74 -13.06 -28.55
C ASP A 229 -24.02 -14.51 -28.15
N PRO A 230 -24.89 -14.69 -27.16
CA PRO A 230 -25.22 -16.03 -26.65
C PRO A 230 -25.89 -16.91 -27.71
N ALA A 231 -26.44 -16.27 -28.74
CA ALA A 231 -27.15 -16.98 -29.80
C ALA A 231 -26.20 -17.77 -30.69
N THR A 232 -25.09 -17.15 -31.09
CA THR A 232 -24.17 -17.77 -32.04
C THR A 232 -22.80 -18.05 -31.44
N GLY A 233 -22.52 -17.45 -30.29
CA GLY A 233 -21.23 -17.60 -29.64
C GLY A 233 -20.21 -16.63 -30.22
N GLY A 234 -20.63 -15.88 -31.22
CA GLY A 234 -19.77 -14.90 -31.86
C GLY A 234 -19.61 -13.66 -31.01
N VAL A 235 -18.64 -12.81 -31.37
CA VAL A 235 -18.36 -11.61 -30.60
C VAL A 235 -18.41 -10.36 -31.48
N TYR A 236 -19.18 -9.37 -31.04
CA TYR A 236 -19.29 -8.11 -31.77
C TYR A 236 -17.95 -7.40 -31.81
N HIS A 237 -17.68 -6.76 -32.95
CA HIS A 237 -16.38 -6.14 -33.19
C HIS A 237 -16.14 -4.92 -32.32
N LYS A 238 -17.14 -4.05 -32.23
CA LYS A 238 -17.00 -2.81 -31.45
C LYS A 238 -18.34 -2.19 -31.11
N VAL A 239 -18.45 -1.68 -29.88
CA VAL A 239 -19.63 -0.94 -29.45
C VAL A 239 -19.26 0.53 -29.25
N THR A 240 -19.63 1.36 -30.23
CA THR A 240 -19.28 2.78 -30.21
C THR A 240 -20.44 3.65 -30.65
N THR A 241 -20.21 4.96 -30.67
CA THR A 241 -21.12 5.91 -31.28
C THR A 241 -20.88 5.86 -32.79
N PRO A 242 -21.83 6.36 -33.60
CA PRO A 242 -21.61 6.34 -35.05
C PRO A 242 -20.38 7.16 -35.49
N SER A 243 -20.10 8.24 -34.78
CA SER A 243 -19.01 9.12 -35.16
C SER A 243 -18.16 9.54 -33.96
N PHE A 244 -17.07 10.26 -34.23
CA PHE A 244 -16.18 10.73 -33.17
C PHE A 244 -16.65 12.06 -32.60
N PRO A 245 -16.94 12.11 -31.30
CA PRO A 245 -17.25 13.38 -30.65
C PRO A 245 -16.02 14.26 -30.61
N PRO A 246 -16.19 15.59 -30.65
CA PRO A 246 -15.10 16.57 -30.61
C PRO A 246 -14.07 16.30 -29.51
N LEU A 247 -12.85 16.78 -29.70
CA LEU A 247 -11.78 16.58 -28.73
C LEU A 247 -12.14 17.16 -27.37
N ASP A 248 -12.95 18.22 -27.38
CA ASP A 248 -13.33 18.92 -26.16
C ASP A 248 -14.40 18.16 -25.38
N THR A 249 -15.06 17.22 -26.05
CA THR A 249 -16.23 16.53 -25.50
C THR A 249 -15.92 15.70 -24.26
N ARG A 250 -16.64 15.99 -23.18
CA ARG A 250 -16.59 15.20 -21.96
C ARG A 250 -17.22 13.83 -22.19
N PRO A 251 -16.85 12.82 -21.38
CA PRO A 251 -17.44 11.48 -21.53
C PRO A 251 -18.96 11.47 -21.40
N GLU A 252 -19.49 12.08 -20.33
CA GLU A 252 -20.94 12.11 -20.11
C GLU A 252 -21.62 13.01 -21.14
N ASP A 253 -20.90 14.00 -21.64
CA ASP A 253 -21.44 14.92 -22.62
C ASP A 253 -21.59 14.24 -23.98
N ASP A 254 -20.92 13.11 -24.14
CA ASP A 254 -21.07 12.28 -25.33
C ASP A 254 -22.23 11.31 -25.13
N ASP A 255 -23.43 11.73 -25.54
CA ASP A 255 -24.63 10.94 -25.30
C ASP A 255 -25.26 10.47 -26.60
N ALA A 256 -24.46 10.45 -27.67
CA ALA A 256 -24.91 9.95 -28.97
C ALA A 256 -25.31 8.47 -28.86
N PRO A 257 -26.22 8.01 -29.73
CA PRO A 257 -26.66 6.61 -29.67
C PRO A 257 -25.51 5.63 -29.85
N LEU A 258 -25.52 4.54 -29.09
CA LEU A 258 -24.45 3.55 -29.16
C LEU A 258 -24.75 2.46 -30.17
N VAL A 259 -23.91 2.37 -31.19
CA VAL A 259 -24.04 1.34 -32.21
C VAL A 259 -23.28 0.08 -31.80
N LEU A 260 -23.80 -1.08 -32.18
CA LEU A 260 -23.10 -2.34 -31.95
C LEU A 260 -22.72 -2.99 -33.28
N SER A 261 -21.48 -2.76 -33.70
CA SER A 261 -20.97 -3.29 -34.96
C SER A 261 -21.06 -4.82 -35.00
N PRO A 262 -21.22 -5.39 -36.21
CA PRO A 262 -21.43 -6.83 -36.38
C PRO A 262 -20.35 -7.72 -35.79
N ILE A 263 -20.69 -8.99 -35.62
CA ILE A 263 -19.74 -10.00 -35.20
C ILE A 263 -18.67 -10.21 -36.26
N SER A 264 -17.42 -10.33 -35.84
CA SER A 264 -16.33 -10.58 -36.78
C SER A 264 -15.47 -11.75 -36.31
N TYR A 265 -14.71 -12.31 -37.26
CA TYR A 265 -13.83 -13.44 -36.96
C TYR A 265 -12.70 -13.00 -36.02
N ALA A 266 -12.15 -11.82 -36.27
CA ALA A 266 -11.06 -11.29 -35.47
C ALA A 266 -11.49 -11.04 -34.03
N ALA A 267 -12.68 -10.48 -33.87
CA ALA A 267 -13.23 -10.20 -32.55
C ALA A 267 -13.45 -11.48 -31.77
N THR A 268 -14.01 -12.49 -32.43
CA THR A 268 -14.33 -13.76 -31.78
C THR A 268 -13.08 -14.53 -31.37
N ALA A 269 -12.09 -14.53 -32.26
CA ALA A 269 -10.85 -15.27 -32.03
C ALA A 269 -10.03 -14.68 -30.89
N THR A 270 -9.85 -13.36 -30.92
CA THR A 270 -9.08 -12.67 -29.89
C THR A 270 -9.81 -12.71 -28.55
N PHE A 271 -11.14 -12.68 -28.60
CA PHE A 271 -11.98 -12.86 -27.42
C PHE A 271 -11.73 -14.24 -26.83
N CYS A 272 -11.75 -15.25 -27.69
CA CYS A 272 -11.56 -16.64 -27.29
C CYS A 272 -10.23 -16.84 -26.58
N ALA A 273 -9.16 -16.31 -27.16
CA ALA A 273 -7.82 -16.47 -26.62
C ALA A 273 -7.67 -15.73 -25.29
N ALA A 274 -8.24 -14.53 -25.22
CA ALA A 274 -8.16 -13.71 -24.01
C ALA A 274 -8.94 -14.35 -22.87
N MET A 275 -10.10 -14.94 -23.20
CA MET A 275 -10.93 -15.59 -22.19
C MET A 275 -10.30 -16.87 -21.68
N ALA A 276 -9.74 -17.66 -22.59
CA ALA A 276 -9.05 -18.89 -22.23
C ALA A 276 -7.85 -18.58 -21.34
N HIS A 277 -7.22 -17.44 -21.60
CA HIS A 277 -6.11 -16.98 -20.77
C HIS A 277 -6.64 -16.48 -19.43
N ALA A 278 -7.76 -15.78 -19.47
CA ALA A 278 -8.39 -15.25 -18.27
C ALA A 278 -8.91 -16.37 -17.38
N ALA A 279 -9.48 -17.40 -18.02
CA ALA A 279 -10.00 -18.55 -17.30
C ALA A 279 -8.90 -19.30 -16.57
N LEU A 280 -7.68 -19.24 -17.11
CA LEU A 280 -6.56 -19.96 -16.54
C LEU A 280 -5.95 -19.20 -15.36
N VAL A 281 -5.77 -17.88 -15.54
CA VAL A 281 -5.11 -17.05 -14.55
C VAL A 281 -5.99 -16.80 -13.32
N TYR A 282 -7.28 -16.54 -13.53
CA TYR A 282 -8.17 -16.15 -12.46
C TYR A 282 -8.68 -17.30 -11.61
N ARG A 283 -8.33 -18.53 -11.98
CA ARG A 283 -8.86 -19.71 -11.30
C ARG A 283 -8.59 -19.77 -9.79
N PRO A 284 -7.34 -19.52 -9.35
CA PRO A 284 -7.15 -19.61 -7.90
C PRO A 284 -7.58 -18.34 -7.15
N PHE A 285 -8.06 -17.34 -7.87
CA PHE A 285 -8.42 -16.07 -7.26
C PHE A 285 -9.93 -15.83 -7.34
N ASP A 286 -10.50 -16.04 -8.52
CA ASP A 286 -11.93 -15.88 -8.73
C ASP A 286 -12.49 -17.04 -9.55
N PRO A 287 -12.72 -18.20 -8.89
CA PRO A 287 -13.20 -19.44 -9.53
C PRO A 287 -14.50 -19.24 -10.30
N ALA A 288 -15.35 -18.33 -9.81
CA ALA A 288 -16.61 -18.04 -10.49
C ALA A 288 -16.39 -17.40 -11.85
N LEU A 289 -15.52 -16.39 -11.91
CA LEU A 289 -15.22 -15.71 -13.16
C LEU A 289 -14.42 -16.63 -14.10
N SER A 290 -13.53 -17.42 -13.52
CA SER A 290 -12.72 -18.37 -14.28
C SER A 290 -13.59 -19.37 -15.05
N SER A 291 -14.61 -19.88 -14.38
CA SER A 291 -15.56 -20.81 -14.99
C SER A 291 -16.32 -20.15 -16.14
N CYS A 292 -16.71 -18.89 -15.93
CA CYS A 292 -17.49 -18.16 -16.92
C CYS A 292 -16.68 -17.88 -18.18
N CYS A 293 -15.41 -17.56 -18.01
CA CYS A 293 -14.52 -17.26 -19.14
C CYS A 293 -14.21 -18.51 -19.95
N ALA A 294 -14.04 -19.63 -19.27
CA ALA A 294 -13.71 -20.89 -19.93
C ALA A 294 -14.82 -21.34 -20.88
N ASP A 295 -16.06 -21.27 -20.39
CA ASP A 295 -17.21 -21.65 -21.19
C ASP A 295 -17.40 -20.68 -22.36
N ALA A 296 -17.11 -19.41 -22.11
CA ALA A 296 -17.23 -18.38 -23.13
C ALA A 296 -16.19 -18.59 -24.23
N ALA A 297 -15.01 -19.08 -23.84
CA ALA A 297 -13.92 -19.33 -24.78
C ALA A 297 -14.27 -20.49 -25.71
N ARG A 298 -14.80 -21.57 -25.13
CA ARG A 298 -15.17 -22.75 -25.90
C ARG A 298 -16.27 -22.43 -26.91
N ARG A 299 -17.29 -21.69 -26.47
CA ARG A 299 -18.37 -21.28 -27.35
C ARG A 299 -17.88 -20.37 -28.45
N ALA A 300 -16.90 -19.53 -28.11
CA ALA A 300 -16.32 -18.61 -29.08
C ALA A 300 -15.57 -19.37 -30.17
N TYR A 301 -14.89 -20.44 -29.79
CA TYR A 301 -14.13 -21.23 -30.74
C TYR A 301 -15.07 -22.05 -31.62
N ALA A 302 -16.19 -22.46 -31.05
CA ALA A 302 -17.20 -23.21 -31.80
C ALA A 302 -17.72 -22.37 -32.96
N TRP A 303 -17.76 -21.06 -32.76
CA TRP A 303 -18.16 -20.12 -33.79
C TRP A 303 -17.11 -20.07 -34.90
N LEU A 304 -15.84 -20.09 -34.51
CA LEU A 304 -14.74 -20.03 -35.46
C LEU A 304 -14.76 -21.19 -36.43
N GLY A 305 -15.15 -22.37 -35.94
CA GLY A 305 -15.17 -23.56 -36.75
C GLY A 305 -16.28 -23.60 -37.78
N ALA A 306 -17.29 -22.75 -37.60
CA ALA A 306 -18.45 -22.75 -38.48
C ALA A 306 -18.57 -21.47 -39.29
N HIS A 307 -17.50 -20.68 -39.30
CA HIS A 307 -17.49 -19.42 -40.06
C HIS A 307 -16.13 -19.20 -40.72
N GLU A 308 -16.15 -18.67 -41.94
CA GLU A 308 -14.92 -18.40 -42.67
C GLU A 308 -14.25 -17.13 -42.18
N MET A 309 -12.92 -17.07 -42.31
CA MET A 309 -12.16 -15.89 -41.92
C MET A 309 -12.51 -14.69 -42.81
N GLN A 310 -13.39 -13.83 -42.30
CA GLN A 310 -13.80 -12.65 -43.04
C GLN A 310 -13.29 -11.38 -42.37
N PRO A 311 -12.47 -10.60 -43.09
CA PRO A 311 -11.96 -9.32 -42.60
C PRO A 311 -13.10 -8.34 -42.27
N PHE A 312 -13.05 -7.75 -41.09
CA PHE A 312 -14.07 -6.79 -40.69
C PHE A 312 -13.97 -5.51 -41.53
N HIS A 313 -15.11 -4.89 -41.76
CA HIS A 313 -15.15 -3.57 -42.38
C HIS A 313 -16.18 -2.71 -41.68
N ASN A 314 -15.91 -1.41 -41.61
CA ASN A 314 -16.84 -0.47 -40.99
C ASN A 314 -18.20 -0.51 -41.68
N PRO A 315 -19.26 -0.75 -40.88
CA PRO A 315 -20.62 -0.70 -41.41
C PRO A 315 -20.93 0.69 -41.92
N ASP A 316 -21.79 0.81 -42.92
CA ASP A 316 -22.12 2.12 -43.46
C ASP A 316 -22.83 2.95 -42.38
N GLY A 317 -22.29 4.12 -42.10
CA GLY A 317 -22.80 4.96 -41.04
C GLY A 317 -21.89 4.94 -39.83
N ILE A 318 -20.80 4.17 -39.94
CA ILE A 318 -19.82 4.07 -38.86
C ILE A 318 -18.45 4.56 -39.34
N LEU A 319 -17.90 5.54 -38.65
CA LEU A 319 -16.61 6.11 -39.03
C LEU A 319 -15.62 6.08 -37.88
N THR A 320 -15.97 5.35 -36.82
CA THR A 320 -15.06 5.17 -35.69
C THR A 320 -13.99 4.15 -36.03
N GLY A 321 -13.10 3.88 -35.08
CA GLY A 321 -11.98 2.97 -35.28
C GLY A 321 -12.38 1.62 -35.85
N GLU A 322 -11.95 1.35 -37.08
CA GLU A 322 -12.31 0.11 -37.76
C GLU A 322 -11.62 -1.09 -37.12
N TYR A 323 -10.33 -0.95 -36.84
CA TYR A 323 -9.51 -2.04 -36.32
C TYR A 323 -9.66 -3.30 -37.18
N GLY A 324 -9.51 -3.12 -38.49
CA GLY A 324 -9.66 -4.22 -39.43
C GLY A 324 -8.37 -5.02 -39.58
N ASP A 325 -8.48 -6.13 -40.29
CA ASP A 325 -7.35 -7.04 -40.47
C ASP A 325 -7.69 -8.08 -41.53
N ALA A 326 -6.77 -8.28 -42.47
CA ALA A 326 -7.01 -9.19 -43.59
C ALA A 326 -6.43 -10.58 -43.31
N GLU A 327 -5.37 -10.62 -42.51
CA GLU A 327 -4.75 -11.89 -42.11
C GLU A 327 -5.28 -12.34 -40.76
N LEU A 328 -6.00 -13.47 -40.75
CA LEU A 328 -6.70 -13.92 -39.54
C LEU A 328 -6.23 -15.28 -39.03
N ARG A 329 -5.21 -15.85 -39.67
CA ARG A 329 -4.70 -17.15 -39.27
C ARG A 329 -3.92 -17.08 -37.96
N ASP A 330 -3.31 -15.94 -37.70
CA ASP A 330 -2.59 -15.74 -36.44
C ASP A 330 -3.57 -15.60 -35.29
N GLU A 331 -4.76 -15.11 -35.57
CA GLU A 331 -5.83 -15.06 -34.57
C GLU A 331 -6.29 -16.46 -34.21
N LEU A 332 -6.45 -17.30 -35.23
CA LEU A 332 -6.82 -18.70 -35.01
C LEU A 332 -5.71 -19.42 -34.25
N LEU A 333 -4.46 -19.08 -34.58
CA LEU A 333 -3.30 -19.64 -33.91
C LEU A 333 -3.36 -19.33 -32.42
N TRP A 334 -3.59 -18.07 -32.08
CA TRP A 334 -3.66 -17.63 -30.69
C TRP A 334 -4.82 -18.30 -29.96
N ALA A 335 -5.98 -18.34 -30.62
CA ALA A 335 -7.17 -18.95 -30.04
C ALA A 335 -6.95 -20.43 -29.76
N SER A 336 -6.35 -21.12 -30.72
CA SER A 336 -6.08 -22.55 -30.58
C SER A 336 -5.08 -22.82 -29.46
N CYS A 337 -4.00 -22.03 -29.44
CA CYS A 337 -2.93 -22.21 -28.46
C CYS A 337 -3.37 -21.89 -27.04
N ALA A 338 -4.26 -20.91 -26.91
CA ALA A 338 -4.79 -20.52 -25.61
C ALA A 338 -5.65 -21.64 -25.02
N LEU A 339 -6.47 -22.23 -25.87
CA LEU A 339 -7.31 -23.35 -25.46
C LEU A 339 -6.49 -24.60 -25.23
N LEU A 340 -5.34 -24.67 -25.90
CA LEU A 340 -4.39 -25.76 -25.69
C LEU A 340 -3.86 -25.74 -24.26
N ARG A 341 -3.48 -24.57 -23.78
CA ARG A 341 -2.89 -24.42 -22.46
C ARG A 341 -3.96 -24.45 -21.38
N MET A 342 -5.16 -23.94 -21.70
CA MET A 342 -6.27 -23.91 -20.75
C MET A 342 -6.72 -25.32 -20.40
N THR A 343 -6.83 -26.16 -21.43
CA THR A 343 -7.32 -27.53 -21.24
C THR A 343 -6.18 -28.50 -20.95
N GLY A 344 -5.01 -28.21 -21.50
CA GLY A 344 -3.89 -29.12 -21.39
C GLY A 344 -4.12 -30.35 -22.25
N ASP A 345 -5.10 -30.25 -23.15
CA ASP A 345 -5.50 -31.34 -24.03
C ASP A 345 -4.64 -31.35 -25.30
N SER A 346 -3.92 -32.44 -25.52
CA SER A 346 -3.05 -32.57 -26.67
C SER A 346 -3.82 -32.60 -27.99
N ALA A 347 -5.14 -32.68 -27.90
CA ALA A 347 -5.98 -32.65 -29.10
C ALA A 347 -5.86 -31.32 -29.82
N TRP A 348 -5.53 -30.27 -29.07
CA TRP A 348 -5.37 -28.94 -29.62
C TRP A 348 -4.05 -28.79 -30.37
N ALA A 349 -3.10 -29.68 -30.09
CA ALA A 349 -1.81 -29.64 -30.77
C ALA A 349 -1.96 -29.94 -32.26
N ARG A 350 -3.03 -30.64 -32.62
CA ARG A 350 -3.31 -30.99 -34.01
C ARG A 350 -3.64 -29.78 -34.87
N VAL A 351 -4.25 -28.75 -34.28
CA VAL A 351 -4.63 -27.55 -35.03
C VAL A 351 -3.60 -26.45 -34.82
N CYS A 352 -3.01 -26.41 -33.63
CA CYS A 352 -1.99 -25.41 -33.29
C CYS A 352 -0.73 -25.51 -34.15
N GLU A 353 -0.14 -26.70 -34.18
CA GLU A 353 1.18 -26.90 -34.78
C GLU A 353 1.29 -26.66 -36.30
N PRO A 354 0.26 -27.02 -37.08
CA PRO A 354 0.33 -26.61 -38.49
C PRO A 354 0.34 -25.10 -38.66
N LEU A 355 -0.44 -24.40 -37.85
CA LEU A 355 -0.49 -22.94 -37.89
C LEU A 355 0.84 -22.33 -37.42
N LEU A 356 1.52 -23.01 -36.51
CA LEU A 356 2.79 -22.53 -35.98
C LEU A 356 3.91 -22.61 -37.01
N ASP A 357 3.73 -23.46 -38.02
CA ASP A 357 4.75 -23.63 -39.05
C ASP A 357 4.59 -22.60 -40.16
N LEU A 358 3.47 -21.88 -40.15
CA LEU A 358 3.21 -20.83 -41.12
C LEU A 358 4.19 -19.68 -40.95
N ASP A 359 4.47 -18.97 -42.04
CA ASP A 359 5.40 -17.84 -42.00
C ASP A 359 4.69 -16.54 -41.65
N LEU A 360 3.76 -16.63 -40.70
CA LEU A 360 3.11 -15.44 -40.14
C LEU A 360 4.10 -14.68 -39.28
N PRO A 361 4.01 -13.35 -39.27
CA PRO A 361 4.86 -12.59 -38.36
C PRO A 361 4.48 -12.88 -36.91
N TRP A 362 5.46 -13.28 -36.10
CA TRP A 362 5.20 -13.59 -34.70
C TRP A 362 5.29 -12.33 -33.85
N GLU A 363 4.19 -11.59 -33.79
CA GLU A 363 4.21 -10.32 -33.08
C GLU A 363 3.16 -10.25 -31.98
N LEU A 364 3.13 -9.11 -31.27
CA LEU A 364 2.28 -8.98 -30.09
C LEU A 364 1.14 -7.98 -30.26
N GLY A 365 0.48 -8.02 -31.41
CA GLY A 365 -0.74 -7.27 -31.60
C GLY A 365 -0.59 -5.83 -32.05
N TRP A 366 -1.71 -5.14 -32.25
CA TRP A 366 -3.03 -5.72 -32.02
C TRP A 366 -3.52 -6.54 -33.22
N ALA A 367 -2.95 -6.27 -34.39
CA ALA A 367 -3.38 -6.94 -35.61
C ALA A 367 -2.64 -8.27 -35.80
N ASP A 368 -1.36 -8.28 -35.49
CA ASP A 368 -0.54 -9.48 -35.60
C ASP A 368 -0.24 -10.05 -34.22
N VAL A 369 -0.94 -11.11 -33.84
CA VAL A 369 -0.92 -11.61 -32.47
C VAL A 369 -0.33 -13.01 -32.34
N ALA A 370 0.44 -13.44 -33.33
CA ALA A 370 0.96 -14.81 -33.38
C ALA A 370 1.85 -15.17 -32.19
N LEU A 371 2.60 -14.21 -31.68
CA LEU A 371 3.54 -14.49 -30.59
C LEU A 371 2.81 -14.85 -29.31
N TYR A 372 1.61 -14.31 -29.12
CA TYR A 372 0.78 -14.66 -27.97
C TYR A 372 0.45 -16.14 -27.98
N GLY A 373 0.16 -16.68 -29.16
CA GLY A 373 -0.12 -18.09 -29.31
C GLY A 373 1.14 -18.92 -29.12
N VAL A 374 2.26 -18.41 -29.63
CA VAL A 374 3.56 -19.06 -29.47
C VAL A 374 3.87 -19.27 -28.00
N MET A 375 3.62 -18.24 -27.19
CA MET A 375 3.89 -18.30 -25.76
C MET A 375 2.99 -19.31 -25.06
N ASP A 376 1.71 -19.28 -25.36
CA ASP A 376 0.76 -20.23 -24.79
C ASP A 376 1.16 -21.66 -25.14
N TYR A 377 1.66 -21.85 -26.35
CA TYR A 377 2.11 -23.16 -26.82
C TYR A 377 3.35 -23.60 -26.06
N LEU A 378 4.29 -22.69 -25.88
CA LEU A 378 5.54 -22.99 -25.19
C LEU A 378 5.35 -23.16 -23.69
N ARG A 379 4.31 -22.53 -23.14
CA ARG A 379 4.01 -22.64 -21.72
C ARG A 379 3.08 -23.82 -21.44
N THR A 380 2.72 -24.54 -22.50
CA THR A 380 1.95 -25.77 -22.37
C THR A 380 2.91 -26.91 -22.01
N PRO A 381 2.50 -27.77 -21.06
CA PRO A 381 3.27 -28.96 -20.68
C PRO A 381 3.79 -29.73 -21.89
N ARG A 382 5.09 -30.04 -21.89
CA ARG A 382 5.77 -30.62 -23.04
C ARG A 382 5.15 -31.94 -23.50
N ALA A 383 4.48 -32.63 -22.59
CA ALA A 383 3.87 -33.92 -22.89
C ALA A 383 2.64 -33.79 -23.79
N ALA A 384 2.10 -32.58 -23.88
CA ALA A 384 0.88 -32.36 -24.67
C ALA A 384 1.19 -31.85 -26.08
N VAL A 385 2.47 -31.61 -26.36
CA VAL A 385 2.86 -31.10 -27.68
C VAL A 385 3.95 -31.94 -28.31
N SER A 386 4.22 -31.71 -29.59
CA SER A 386 5.26 -32.42 -30.31
C SER A 386 6.62 -31.82 -30.03
N ASP A 387 7.61 -32.67 -29.78
CA ASP A 387 8.95 -32.22 -29.43
C ASP A 387 9.66 -31.54 -30.59
N ASP A 388 9.52 -32.08 -31.80
CA ASP A 388 10.21 -31.54 -32.97
C ASP A 388 9.65 -30.18 -33.38
N VAL A 389 8.34 -30.01 -33.20
CA VAL A 389 7.70 -28.74 -33.49
C VAL A 389 8.07 -27.72 -32.43
N ARG A 390 8.09 -28.15 -31.18
CA ARG A 390 8.43 -27.28 -30.06
C ARG A 390 9.85 -26.75 -30.19
N ASN A 391 10.75 -27.60 -30.69
CA ASN A 391 12.14 -27.21 -30.90
C ASN A 391 12.27 -26.22 -32.05
N LYS A 392 11.47 -26.41 -33.10
CA LYS A 392 11.44 -25.49 -34.23
C LYS A 392 10.93 -24.12 -33.80
N VAL A 393 9.88 -24.12 -32.98
CA VAL A 393 9.29 -22.88 -32.48
C VAL A 393 10.28 -22.10 -31.62
N LYS A 394 10.95 -22.81 -30.71
CA LYS A 394 11.96 -22.20 -29.86
C LYS A 394 13.12 -21.66 -30.70
N SER A 395 13.49 -22.42 -31.74
CA SER A 395 14.57 -22.03 -32.63
C SER A 395 14.24 -20.77 -33.42
N ARG A 396 13.00 -20.68 -33.93
CA ARG A 396 12.62 -19.49 -34.67
C ARG A 396 12.55 -18.29 -33.75
N LEU A 397 11.99 -18.50 -32.56
CA LEU A 397 11.86 -17.44 -31.57
C LEU A 397 13.22 -16.82 -31.23
N LEU A 398 14.24 -17.66 -31.14
CA LEU A 398 15.59 -17.19 -30.86
C LEU A 398 16.15 -16.39 -32.04
N ARG A 399 15.86 -16.85 -33.25
CA ARG A 399 16.28 -16.14 -34.46
C ARG A 399 15.68 -14.74 -34.50
N GLU A 400 14.40 -14.65 -34.20
CA GLU A 400 13.69 -13.38 -34.17
C GLU A 400 14.32 -12.43 -33.16
N LEU A 401 14.65 -12.97 -31.98
CA LEU A 401 15.30 -12.20 -30.93
C LEU A 401 16.71 -11.78 -31.33
N ASP A 402 17.40 -12.67 -32.04
CA ASP A 402 18.74 -12.36 -32.55
C ASP A 402 18.68 -11.17 -33.49
N ALA A 403 17.69 -11.15 -34.37
CA ALA A 403 17.52 -10.07 -35.32
C ALA A 403 17.24 -8.74 -34.61
N LEU A 404 16.42 -8.80 -33.58
CA LEU A 404 16.10 -7.63 -32.76
C LEU A 404 17.33 -7.13 -32.03
N ALA A 405 18.13 -8.07 -31.53
CA ALA A 405 19.35 -7.75 -30.82
C ALA A 405 20.34 -7.04 -31.73
N ALA A 406 20.42 -7.51 -32.97
CA ALA A 406 21.28 -6.90 -33.98
C ALA A 406 20.84 -5.46 -34.26
N MET A 407 19.54 -5.24 -34.25
CA MET A 407 18.98 -3.92 -34.46
C MET A 407 19.30 -2.99 -33.31
N ALA A 408 19.26 -3.52 -32.10
CA ALA A 408 19.55 -2.74 -30.89
C ALA A 408 21.04 -2.38 -30.82
N GLU A 409 21.89 -3.28 -31.30
CA GLU A 409 23.33 -3.06 -31.30
C GLU A 409 23.71 -1.96 -32.28
N SER A 410 22.89 -1.80 -33.32
CA SER A 410 23.15 -0.77 -34.33
C SER A 410 22.54 0.57 -33.94
N HIS A 411 21.49 0.52 -33.11
CA HIS A 411 20.81 1.73 -32.67
C HIS A 411 21.62 2.45 -31.60
N PRO A 412 21.74 3.79 -31.72
CA PRO A 412 22.52 4.60 -30.79
C PRO A 412 21.98 4.58 -29.36
N PHE A 413 20.69 4.27 -29.21
CA PHE A 413 20.07 4.22 -27.89
C PHE A 413 19.80 2.79 -27.43
N GLY A 414 20.38 1.82 -28.14
CA GLY A 414 20.34 0.43 -27.73
C GLY A 414 18.96 -0.21 -27.75
N ILE A 415 18.02 0.39 -28.46
CA ILE A 415 16.67 -0.16 -28.56
C ILE A 415 16.49 -0.91 -29.87
N PRO A 416 15.69 -1.99 -29.85
CA PRO A 416 15.48 -2.79 -31.06
C PRO A 416 14.58 -2.07 -32.07
N MET A 417 15.10 -1.01 -32.69
CA MET A 417 14.32 -0.23 -33.64
C MET A 417 15.19 0.23 -34.82
N ARG A 418 14.58 0.26 -36.01
CA ARG A 418 15.18 0.93 -37.15
C ARG A 418 14.41 2.21 -37.42
N ASP A 419 14.91 3.05 -38.33
CA ASP A 419 14.23 4.29 -38.65
C ASP A 419 12.83 4.06 -39.19
N ASP A 420 12.69 3.05 -40.05
CA ASP A 420 11.40 2.75 -40.67
C ASP A 420 10.44 2.04 -39.72
N ASP A 421 10.91 1.73 -38.51
CA ASP A 421 10.05 1.13 -37.50
C ASP A 421 9.26 2.19 -36.75
N PHE A 422 9.74 3.44 -36.80
CA PHE A 422 9.09 4.52 -36.09
C PHE A 422 7.86 5.01 -36.85
N ILE A 423 6.78 4.27 -36.70
CA ILE A 423 5.51 4.59 -37.34
C ILE A 423 4.48 5.01 -36.29
N TRP A 424 3.20 4.94 -36.67
CA TRP A 424 2.12 5.23 -35.73
C TRP A 424 2.15 4.23 -34.58
N GLY A 425 2.36 4.74 -33.37
CA GLY A 425 2.46 3.90 -32.19
C GLY A 425 3.80 3.22 -32.08
N SER A 426 4.86 3.95 -32.43
CA SER A 426 6.21 3.41 -32.42
C SER A 426 6.65 2.97 -31.02
N ASN A 427 6.13 3.65 -30.01
CA ASN A 427 6.44 3.30 -28.62
C ASN A 427 5.93 1.91 -28.26
N MET A 428 4.78 1.54 -28.82
CA MET A 428 4.24 0.20 -28.60
C MET A 428 5.06 -0.83 -29.36
N VAL A 429 5.47 -0.47 -30.57
CA VAL A 429 6.34 -1.33 -31.36
C VAL A 429 7.60 -1.64 -30.58
N LEU A 430 8.20 -0.60 -30.01
CA LEU A 430 9.37 -0.75 -29.17
C LEU A 430 9.09 -1.62 -27.95
N LEU A 431 8.03 -1.28 -27.22
CA LEU A 431 7.69 -1.97 -25.98
C LEU A 431 7.31 -3.43 -26.21
N ASN A 432 6.61 -3.69 -27.30
CA ASN A 432 6.28 -5.06 -27.68
C ASN A 432 7.55 -5.88 -27.91
N ARG A 433 8.57 -5.23 -28.47
CA ARG A 433 9.82 -5.90 -28.79
C ARG A 433 10.62 -6.21 -27.54
N ALA A 434 10.64 -5.28 -26.60
CA ALA A 434 11.26 -5.50 -25.30
C ALA A 434 10.51 -6.62 -24.56
N MET A 435 9.19 -6.62 -24.71
CA MET A 435 8.34 -7.60 -24.06
C MET A 435 8.61 -9.01 -24.59
N ALA A 436 8.91 -9.11 -25.88
CA ALA A 436 9.20 -10.39 -26.52
C ALA A 436 10.44 -11.04 -25.92
N PHE A 437 11.47 -10.23 -25.66
CA PHE A 437 12.68 -10.71 -25.01
C PHE A 437 12.37 -11.31 -23.63
N LEU A 438 11.56 -10.58 -22.87
CA LEU A 438 11.23 -10.97 -21.50
C LEU A 438 10.29 -12.17 -21.45
N LEU A 439 9.36 -12.23 -22.41
CA LEU A 439 8.45 -13.37 -22.51
C LEU A 439 9.21 -14.66 -22.78
N ALA A 440 10.12 -14.61 -23.76
CA ALA A 440 10.90 -15.76 -24.17
C ALA A 440 11.77 -16.28 -23.02
N GLU A 441 12.17 -15.39 -22.13
CA GLU A 441 12.98 -15.76 -20.97
C GLU A 441 12.20 -16.69 -20.05
N GLY A 442 10.88 -16.51 -20.03
CA GLY A 442 10.01 -17.31 -19.17
C GLY A 442 9.82 -18.73 -19.66
N VAL A 443 10.18 -18.99 -20.92
CA VAL A 443 10.05 -20.33 -21.49
C VAL A 443 11.39 -20.93 -21.87
N GLY A 444 12.45 -20.52 -21.18
CA GLY A 444 13.75 -21.11 -21.38
C GLY A 444 14.48 -20.64 -22.62
N VAL A 445 13.95 -19.62 -23.28
CA VAL A 445 14.62 -19.02 -24.42
C VAL A 445 15.28 -17.71 -23.99
N LEU A 446 16.48 -17.81 -23.45
CA LEU A 446 17.16 -16.66 -22.85
C LEU A 446 18.16 -16.03 -23.80
N HIS A 447 17.85 -14.83 -24.28
CA HIS A 447 18.81 -14.06 -25.04
C HIS A 447 19.54 -13.10 -24.11
N PRO A 448 20.87 -13.04 -24.22
CA PRO A 448 21.71 -12.25 -23.31
C PRO A 448 21.41 -10.74 -23.33
N ALA A 449 20.74 -10.26 -24.37
CA ALA A 449 20.47 -8.83 -24.51
C ALA A 449 19.10 -8.44 -23.95
N ALA A 450 18.39 -9.42 -23.42
CA ALA A 450 16.99 -9.24 -22.99
C ALA A 450 16.81 -8.10 -21.99
N HIS A 451 17.56 -8.15 -20.89
CA HIS A 451 17.39 -7.18 -19.81
C HIS A 451 18.08 -5.85 -20.11
N THR A 452 19.04 -5.86 -21.03
CA THR A 452 19.64 -4.63 -21.50
C THR A 452 18.63 -3.86 -22.35
N VAL A 453 17.97 -4.59 -23.24
CA VAL A 453 16.92 -4.02 -24.10
C VAL A 453 15.78 -3.46 -23.25
N ALA A 454 15.43 -4.17 -22.20
CA ALA A 454 14.37 -3.74 -21.29
C ALA A 454 14.68 -2.40 -20.65
N GLN A 455 15.92 -2.23 -20.20
CA GLN A 455 16.35 -0.98 -19.59
C GLN A 455 16.42 0.14 -20.63
N ARG A 456 16.97 -0.17 -21.79
CA ARG A 456 17.08 0.81 -22.87
C ARG A 456 15.72 1.29 -23.34
N ALA A 457 14.75 0.39 -23.37
CA ALA A 457 13.38 0.75 -23.74
C ALA A 457 12.81 1.75 -22.74
N ALA A 458 13.06 1.51 -21.46
CA ALA A 458 12.61 2.40 -20.41
C ALA A 458 13.34 3.73 -20.47
N ASP A 459 14.65 3.67 -20.71
CA ASP A 459 15.46 4.87 -20.86
C ASP A 459 14.90 5.76 -21.98
N TYR A 460 14.68 5.15 -23.14
CA TYR A 460 14.13 5.86 -24.30
C TYR A 460 12.77 6.47 -23.99
N LEU A 461 11.90 5.67 -23.38
CA LEU A 461 10.54 6.09 -23.09
C LEU A 461 10.50 7.22 -22.07
N PHE A 462 11.54 7.30 -21.25
CA PHE A 462 11.57 8.27 -20.16
C PHE A 462 12.52 9.43 -20.43
N GLY A 463 12.94 9.60 -21.67
CA GLY A 463 13.70 10.79 -22.04
C GLY A 463 14.99 10.58 -22.82
N ALA A 464 15.53 9.36 -22.81
CA ALA A 464 16.76 9.08 -23.54
C ALA A 464 16.47 8.92 -25.02
N ASN A 465 16.29 10.05 -25.71
CA ASN A 465 15.98 10.06 -27.13
C ASN A 465 16.39 11.40 -27.73
N PRO A 466 16.50 11.50 -29.07
CA PRO A 466 16.93 12.75 -29.71
C PRO A 466 16.11 13.98 -29.34
N LEU A 467 14.90 13.77 -28.82
CA LEU A 467 14.03 14.89 -28.45
C LEU A 467 14.11 15.21 -26.95
N GLY A 468 14.73 14.32 -26.18
CA GLY A 468 14.79 14.48 -24.75
C GLY A 468 13.39 14.48 -24.15
N GLN A 469 12.50 13.72 -24.79
CA GLN A 469 11.09 13.74 -24.45
C GLN A 469 10.67 12.52 -23.65
N CYS A 470 10.14 12.76 -22.46
CA CYS A 470 9.52 11.69 -21.68
C CYS A 470 8.13 11.43 -22.26
N TYR A 471 7.93 10.24 -22.82
CA TYR A 471 6.71 9.92 -23.54
C TYR A 471 5.58 9.44 -22.64
N VAL A 472 5.69 9.72 -21.35
CA VAL A 472 4.63 9.41 -20.40
C VAL A 472 4.14 10.67 -19.70
N THR A 473 2.83 10.85 -19.63
CA THR A 473 2.24 12.01 -19.00
C THR A 473 2.50 12.04 -17.49
N GLY A 474 2.91 13.19 -16.99
CA GLY A 474 3.07 13.40 -15.56
C GLY A 474 4.38 12.91 -14.97
N PHE A 475 5.37 12.64 -15.82
CA PHE A 475 6.66 12.15 -15.35
C PHE A 475 7.81 12.72 -16.18
N GLY A 476 8.99 12.82 -15.56
CA GLY A 476 10.18 13.31 -16.23
C GLY A 476 10.32 14.81 -16.16
N GLN A 477 11.39 15.33 -16.76
CA GLN A 477 11.63 16.76 -16.80
C GLN A 477 10.94 17.40 -18.00
N ARG A 478 10.73 16.60 -19.04
CA ARG A 478 9.96 17.05 -20.21
C ARG A 478 8.83 16.07 -20.48
N PRO A 479 7.74 16.17 -19.69
CA PRO A 479 6.61 15.24 -19.79
C PRO A 479 5.68 15.57 -20.95
N VAL A 480 4.80 14.64 -21.28
CA VAL A 480 3.74 14.90 -22.25
C VAL A 480 2.68 15.78 -21.61
N ARG A 481 2.47 16.97 -22.17
CA ARG A 481 1.58 17.94 -21.56
C ARG A 481 0.26 18.08 -22.30
N HIS A 482 0.26 17.80 -23.60
CA HIS A 482 -0.96 17.96 -24.40
C HIS A 482 -1.23 16.73 -25.26
N PRO A 483 -1.71 15.65 -24.65
CA PRO A 483 -1.99 14.41 -25.38
C PRO A 483 -3.34 14.45 -26.09
N HIS A 484 -3.49 13.67 -27.16
CA HIS A 484 -4.77 13.53 -27.83
C HIS A 484 -5.68 12.65 -26.98
N HIS A 485 -6.17 13.22 -25.88
CA HIS A 485 -6.99 12.49 -24.93
C HIS A 485 -8.14 13.37 -24.45
N ARG A 486 -9.36 12.99 -24.83
CA ARG A 486 -10.54 13.83 -24.59
C ARG A 486 -10.82 14.16 -23.12
N PRO A 487 -10.70 13.19 -22.19
CA PRO A 487 -10.89 13.57 -20.79
C PRO A 487 -9.85 14.59 -20.32
N SER A 488 -8.62 14.47 -20.81
CA SER A 488 -7.56 15.40 -20.46
C SER A 488 -7.79 16.77 -21.09
N VAL A 489 -8.25 16.78 -22.33
CA VAL A 489 -8.51 18.02 -23.06
C VAL A 489 -9.74 18.73 -22.49
N ALA A 490 -10.75 17.96 -22.12
CA ALA A 490 -11.99 18.50 -21.56
C ALA A 490 -11.74 19.35 -20.32
N ALA A 491 -11.00 18.81 -19.37
CA ALA A 491 -10.66 19.52 -18.14
C ALA A 491 -9.66 20.64 -18.41
N ASP A 492 -9.92 21.82 -17.84
CA ASP A 492 -9.02 22.95 -18.00
C ASP A 492 -8.06 23.06 -16.81
N VAL A 493 -7.20 22.06 -16.65
CA VAL A 493 -6.27 22.00 -15.53
C VAL A 493 -4.81 22.20 -15.98
N ASP A 494 -4.62 22.30 -17.29
CA ASP A 494 -3.29 22.48 -17.90
C ASP A 494 -2.28 21.40 -17.53
N HIS A 495 -2.77 20.21 -17.20
CA HIS A 495 -1.94 19.02 -17.07
C HIS A 495 -2.85 17.79 -17.18
N PRO A 496 -2.50 16.87 -18.08
CA PRO A 496 -3.37 15.74 -18.42
C PRO A 496 -3.39 14.64 -17.36
N VAL A 497 -4.19 13.60 -17.62
CA VAL A 497 -4.19 12.40 -16.79
C VAL A 497 -2.80 11.78 -16.79
N PRO A 498 -2.23 11.53 -15.60
CA PRO A 498 -0.87 10.99 -15.48
C PRO A 498 -0.80 9.49 -15.79
N GLY A 499 0.38 9.03 -16.24
CA GLY A 499 0.61 7.63 -16.49
C GLY A 499 0.21 7.14 -17.87
N MET A 500 0.01 8.08 -18.79
CA MET A 500 -0.39 7.73 -20.15
C MET A 500 0.79 7.68 -21.10
N VAL A 501 1.00 6.52 -21.71
CA VAL A 501 2.07 6.34 -22.70
C VAL A 501 1.57 6.74 -24.09
N VAL A 502 2.12 7.82 -24.64
CA VAL A 502 1.71 8.30 -25.95
C VAL A 502 2.30 7.45 -27.07
N GLY A 503 1.75 7.61 -28.27
CA GLY A 503 2.13 6.80 -29.41
C GLY A 503 3.60 6.89 -29.79
N GLY A 504 4.16 8.09 -29.72
CA GLY A 504 5.55 8.30 -30.05
C GLY A 504 5.75 8.77 -31.48
N PRO A 505 7.01 9.01 -31.86
CA PRO A 505 7.39 9.54 -33.18
C PRO A 505 6.87 8.69 -34.34
N ASN A 506 6.27 9.36 -35.32
CA ASN A 506 5.72 8.70 -36.51
C ASN A 506 6.20 9.41 -37.76
N ARG A 507 7.11 8.75 -38.49
CA ARG A 507 7.77 9.34 -39.64
C ARG A 507 6.84 9.59 -40.82
N HIS A 508 5.65 9.00 -40.79
CA HIS A 508 4.73 9.10 -41.90
C HIS A 508 3.87 10.37 -41.86
N LEU A 509 4.02 11.13 -40.77
CA LEU A 509 3.34 12.42 -40.60
C LEU A 509 1.85 12.34 -40.91
N GLN A 510 1.15 11.49 -40.18
CA GLN A 510 -0.24 11.18 -40.52
C GLN A 510 -1.27 12.00 -39.77
N ASP A 511 -0.94 13.27 -39.53
CA ASP A 511 -1.91 14.28 -39.12
C ASP A 511 -1.43 15.66 -39.58
N GLU A 512 -2.35 16.60 -39.66
CA GLU A 512 -2.06 17.92 -40.20
C GLU A 512 -1.00 18.68 -39.40
N ILE A 513 -0.99 18.46 -38.09
CA ILE A 513 0.00 19.10 -37.21
C ILE A 513 1.41 18.62 -37.55
N ALA A 514 1.58 17.30 -37.62
CA ALA A 514 2.88 16.70 -37.89
C ALA A 514 3.44 17.07 -39.25
N ARG A 515 2.57 17.08 -40.27
CA ARG A 515 3.02 17.33 -41.64
C ARG A 515 3.51 18.77 -41.81
N ALA A 516 2.97 19.68 -41.00
CA ALA A 516 3.36 21.08 -41.05
C ALA A 516 4.61 21.34 -40.20
N GLN A 517 4.64 20.75 -39.01
CA GLN A 517 5.70 21.01 -38.06
C GLN A 517 6.90 20.07 -38.23
N LEU A 518 6.63 18.78 -38.45
CA LEU A 518 7.66 17.77 -38.37
C LEU A 518 8.22 17.34 -39.73
N ALA A 519 7.94 18.12 -40.76
CA ALA A 519 8.44 17.81 -42.10
C ALA A 519 9.96 17.96 -42.18
N GLY A 520 10.63 16.90 -42.64
CA GLY A 520 12.07 16.94 -42.84
C GLY A 520 12.87 16.32 -41.72
N ARG A 521 12.30 16.33 -40.52
CA ARG A 521 12.96 15.77 -39.34
C ARG A 521 13.13 14.26 -39.42
N PRO A 522 14.22 13.73 -38.85
CA PRO A 522 14.47 12.29 -38.77
C PRO A 522 13.33 11.54 -38.07
N ALA A 523 13.27 10.23 -38.28
CA ALA A 523 12.16 9.40 -37.79
C ALA A 523 11.92 9.55 -36.29
N MET A 524 12.99 9.56 -35.51
CA MET A 524 12.87 9.63 -34.06
C MET A 524 12.46 11.02 -33.57
N GLU A 525 12.51 12.00 -34.46
CA GLU A 525 12.15 13.37 -34.12
C GLU A 525 10.77 13.72 -34.67
N ALA A 526 10.09 12.73 -35.24
CA ALA A 526 8.77 12.95 -35.83
C ALA A 526 7.67 12.89 -34.77
N TYR A 527 7.86 13.64 -33.68
CA TYR A 527 6.86 13.73 -32.62
C TYR A 527 6.63 15.17 -32.20
N ILE A 528 5.42 15.47 -31.75
CA ILE A 528 5.11 16.79 -31.21
C ILE A 528 4.05 16.68 -30.11
N ASP A 529 4.26 17.40 -29.02
CA ASP A 529 3.31 17.38 -27.90
C ASP A 529 2.16 18.33 -28.16
N HIS A 530 1.44 18.07 -29.25
CA HIS A 530 0.26 18.85 -29.62
C HIS A 530 -0.97 17.99 -29.51
N GLN A 531 -2.04 18.53 -28.91
CA GLN A 531 -3.24 17.75 -28.63
C GLN A 531 -3.99 17.34 -29.90
N ASP A 532 -3.65 17.95 -31.02
CA ASP A 532 -4.29 17.63 -32.30
C ASP A 532 -3.39 16.76 -33.18
N SER A 533 -2.31 16.26 -32.60
CA SER A 533 -1.43 15.33 -33.31
C SER A 533 -1.75 13.91 -32.87
N TYR A 534 -2.82 13.35 -33.43
CA TYR A 534 -3.31 12.03 -33.03
C TYR A 534 -2.47 10.88 -33.56
N SER A 535 -1.56 11.15 -34.47
CA SER A 535 -0.73 10.09 -35.03
C SER A 535 0.64 10.04 -34.36
N THR A 536 0.87 10.94 -33.41
CA THR A 536 2.11 10.94 -32.65
C THR A 536 1.87 11.06 -31.14
N ASN A 537 0.77 11.71 -30.77
CA ASN A 537 0.52 12.04 -29.38
C ASN A 537 -0.78 11.47 -28.83
N GLU A 538 -1.24 10.36 -29.42
CA GLU A 538 -2.44 9.67 -28.95
C GLU A 538 -2.05 8.69 -27.85
N VAL A 539 -3.04 8.25 -27.06
CA VAL A 539 -2.82 7.23 -26.05
C VAL A 539 -3.67 6.01 -26.37
N ALA A 540 -3.42 4.90 -25.68
CA ALA A 540 -4.17 3.67 -25.89
C ALA A 540 -3.99 2.68 -24.74
N VAL A 541 -5.01 1.85 -24.53
CA VAL A 541 -4.97 0.84 -23.48
C VAL A 541 -3.96 -0.26 -23.81
N TYR A 542 -3.78 -0.51 -25.10
CA TYR A 542 -2.84 -1.53 -25.57
C TYR A 542 -1.46 -0.93 -25.82
N TRP A 543 -1.29 0.33 -25.42
CA TRP A 543 0.02 0.97 -25.45
C TRP A 543 0.57 1.02 -24.02
N ASN A 544 -0.32 1.20 -23.06
CA ASN A 544 0.05 1.20 -21.65
C ASN A 544 0.30 -0.21 -21.14
N SER A 545 -0.44 -1.17 -21.67
CA SER A 545 -0.35 -2.55 -21.20
C SER A 545 1.01 -3.22 -21.44
N PRO A 546 1.65 -2.98 -22.61
CA PRO A 546 2.99 -3.54 -22.68
C PRO A 546 3.99 -2.75 -21.84
N ALA A 547 3.71 -1.47 -21.64
CA ALA A 547 4.54 -0.62 -20.79
C ALA A 547 4.52 -1.14 -19.36
N VAL A 548 3.34 -1.54 -18.90
CA VAL A 548 3.18 -2.14 -17.59
C VAL A 548 4.06 -3.38 -17.45
N PHE A 549 4.03 -4.21 -18.48
CA PHE A 549 4.81 -5.46 -18.49
C PHE A 549 6.31 -5.20 -18.39
N VAL A 550 6.82 -4.31 -19.24
CA VAL A 550 8.25 -4.05 -19.31
C VAL A 550 8.78 -3.36 -18.05
N ILE A 551 8.03 -2.38 -17.55
CA ILE A 551 8.46 -1.65 -16.35
C ILE A 551 8.42 -2.54 -15.12
N ALA A 552 7.39 -3.37 -15.03
CA ALA A 552 7.27 -4.33 -13.92
C ALA A 552 8.43 -5.32 -13.94
N ALA A 553 8.90 -5.63 -15.13
CA ALA A 553 10.02 -6.54 -15.32
C ALA A 553 11.29 -6.00 -14.70
N LEU A 554 11.54 -4.71 -14.91
CA LEU A 554 12.72 -4.04 -14.39
C LEU A 554 12.72 -3.98 -12.87
N LEU A 555 11.53 -3.82 -12.29
CA LEU A 555 11.39 -3.76 -10.84
C LEU A 555 11.52 -5.14 -10.21
N GLU A 556 11.10 -6.16 -10.96
CA GLU A 556 11.15 -7.55 -10.49
C GLU A 556 12.58 -8.07 -10.46
N ALA A 557 13.43 -7.50 -11.29
CA ALA A 557 14.80 -7.97 -11.48
C ALA A 557 15.61 -7.99 -10.19
N ARG A 558 15.31 -7.08 -9.28
CA ARG A 558 16.04 -6.96 -8.02
C ARG A 558 15.95 -8.23 -7.18
N PRO B 29 -14.22 -23.88 16.28
CA PRO B 29 -12.78 -23.94 16.56
C PRO B 29 -12.48 -24.83 17.76
N LYS B 30 -12.50 -26.14 17.55
CA LYS B 30 -12.34 -27.10 18.63
C LYS B 30 -10.90 -27.14 19.15
N SER B 31 -10.60 -26.25 20.10
CA SER B 31 -9.27 -26.19 20.70
C SER B 31 -9.31 -25.49 22.05
N ILE B 32 -8.17 -25.47 22.74
CA ILE B 32 -8.07 -24.80 24.02
C ILE B 32 -7.55 -23.38 23.82
N PHE B 33 -8.20 -22.41 24.46
CA PHE B 33 -7.79 -21.01 24.37
C PHE B 33 -7.14 -20.56 25.67
N TYR B 34 -6.00 -19.89 25.56
CA TYR B 34 -5.18 -19.59 26.73
C TYR B 34 -4.18 -18.48 26.46
N ASN B 35 -3.42 -18.12 27.49
CA ASN B 35 -2.32 -17.18 27.36
C ASN B 35 -1.12 -17.88 26.73
N GLN B 36 -0.91 -17.64 25.44
CA GLN B 36 0.13 -18.33 24.69
C GLN B 36 1.53 -17.84 25.04
N VAL B 37 1.62 -16.70 25.71
CA VAL B 37 2.90 -16.18 26.15
C VAL B 37 3.35 -16.89 27.43
N GLY B 38 2.42 -17.07 28.35
CA GLY B 38 2.70 -17.79 29.57
C GLY B 38 1.93 -17.31 30.79
N TYR B 39 2.27 -17.88 31.95
CA TYR B 39 1.63 -17.49 33.20
C TYR B 39 2.66 -17.22 34.28
N LEU B 40 2.41 -16.23 35.12
CA LEU B 40 3.27 -15.92 36.25
C LEU B 40 3.13 -16.99 37.33
N ILE B 41 4.24 -17.29 38.01
CA ILE B 41 4.23 -18.26 39.10
C ILE B 41 3.18 -17.91 40.15
N SER B 42 3.15 -16.65 40.55
CA SER B 42 2.23 -16.18 41.56
C SER B 42 0.98 -15.53 40.97
N GLY B 43 0.83 -15.62 39.66
CA GLY B 43 -0.28 -14.99 38.96
C GLY B 43 -1.48 -15.90 38.76
N ASP B 44 -2.60 -15.32 38.36
CA ASP B 44 -3.81 -16.08 38.08
C ASP B 44 -3.65 -16.87 36.78
N LYS B 45 -4.15 -18.10 36.78
CA LYS B 45 -3.99 -18.99 35.61
C LYS B 45 -5.33 -19.55 35.17
N ARG B 46 -5.66 -19.35 33.90
CA ARG B 46 -6.97 -19.74 33.38
C ARG B 46 -6.93 -20.08 31.89
N PHE B 47 -7.70 -21.09 31.49
CA PHE B 47 -7.87 -21.42 30.08
C PHE B 47 -9.34 -21.46 29.72
N TRP B 48 -9.64 -21.41 28.42
CA TRP B 48 -11.02 -21.41 27.94
C TRP B 48 -11.29 -22.52 26.94
N ILE B 49 -12.46 -23.14 27.04
CA ILE B 49 -12.92 -24.12 26.04
C ILE B 49 -14.41 -23.94 25.73
N GLN B 50 -14.85 -24.53 24.63
CA GLN B 50 -16.26 -24.57 24.30
C GLN B 50 -16.85 -25.93 24.69
N ALA B 51 -17.91 -25.92 25.50
CA ALA B 51 -18.51 -27.16 25.97
C ALA B 51 -19.97 -26.98 26.38
N HIS B 52 -20.60 -28.08 26.80
CA HIS B 52 -22.00 -28.05 27.23
C HIS B 52 -22.13 -28.36 28.71
N GLU B 53 -21.00 -28.70 29.34
CA GLU B 53 -21.02 -29.15 30.72
C GLU B 53 -19.63 -29.03 31.36
N PRO B 54 -19.57 -28.96 32.70
CA PRO B 54 -18.29 -28.98 33.41
C PRO B 54 -17.47 -30.23 33.07
N GLN B 55 -16.19 -30.05 32.82
CA GLN B 55 -15.32 -31.17 32.43
C GLN B 55 -14.05 -31.22 33.27
N PRO B 56 -13.61 -32.44 33.63
CA PRO B 56 -12.35 -32.62 34.34
C PRO B 56 -11.15 -32.34 33.45
N PHE B 57 -10.17 -31.62 33.97
CA PHE B 57 -8.93 -31.35 33.23
C PHE B 57 -7.72 -31.72 34.07
N ALA B 58 -6.56 -31.78 33.44
CA ALA B 58 -5.32 -32.11 34.13
C ALA B 58 -4.11 -31.46 33.46
N LEU B 59 -3.10 -31.17 34.27
CA LEU B 59 -1.83 -30.69 33.74
C LEU B 59 -0.72 -31.65 34.12
N ARG B 60 0.05 -32.07 33.13
CA ARG B 60 1.12 -33.03 33.35
C ARG B 60 2.47 -32.47 32.92
N THR B 61 3.53 -32.95 33.57
CA THR B 61 4.89 -32.60 33.19
C THR B 61 5.20 -33.16 31.81
N PRO B 62 6.27 -32.66 31.16
CA PRO B 62 6.67 -33.24 29.86
C PRO B 62 6.96 -34.74 29.95
N GLU B 63 7.36 -35.21 31.12
CA GLU B 63 7.64 -36.63 31.33
C GLU B 63 6.36 -37.40 31.65
N GLY B 64 5.28 -36.69 31.93
CA GLY B 64 3.98 -37.32 32.07
C GLY B 64 3.40 -37.40 33.47
N GLN B 65 4.02 -36.72 34.43
CA GLN B 65 3.52 -36.74 35.80
C GLN B 65 2.35 -35.79 35.99
N ALA B 66 1.20 -36.33 36.40
CA ALA B 66 0.03 -35.51 36.69
C ALA B 66 0.28 -34.66 37.94
N VAL B 67 0.31 -33.35 37.76
CA VAL B 67 0.63 -32.43 38.85
C VAL B 67 -0.58 -31.65 39.31
N PHE B 68 -1.52 -31.40 38.40
CA PHE B 68 -2.71 -30.62 38.74
C PHE B 68 -3.97 -31.17 38.06
N ALA B 69 -5.12 -30.97 38.71
CA ALA B 69 -6.40 -31.39 38.17
C ALA B 69 -7.53 -30.54 38.75
N GLY B 70 -8.63 -30.45 38.00
CA GLY B 70 -9.78 -29.68 38.45
C GLY B 70 -10.98 -29.82 37.52
N MET B 71 -11.98 -28.98 37.73
CA MET B 71 -13.19 -28.99 36.90
C MET B 71 -13.40 -27.64 36.23
N THR B 72 -13.80 -27.68 34.96
CA THR B 72 -14.15 -26.46 34.23
C THR B 72 -15.50 -25.94 34.73
N LYS B 73 -15.70 -24.63 34.63
CA LYS B 73 -16.95 -24.02 35.07
C LYS B 73 -17.46 -23.03 34.01
N PRO B 74 -18.79 -22.94 33.87
CA PRO B 74 -19.41 -22.07 32.85
C PRO B 74 -19.21 -20.59 33.14
N VAL B 75 -19.04 -19.80 32.08
CA VAL B 75 -18.86 -18.35 32.23
C VAL B 75 -19.71 -17.56 31.25
N GLY B 76 -20.57 -18.25 30.51
CA GLY B 76 -21.44 -17.60 29.54
C GLY B 76 -21.28 -18.19 28.16
N GLY B 77 -22.39 -18.29 27.42
CA GLY B 77 -22.39 -18.94 26.14
C GLY B 77 -22.06 -20.42 26.30
N ASN B 78 -21.24 -20.94 25.41
CA ASN B 78 -20.74 -22.30 25.54
C ASN B 78 -19.32 -22.32 26.10
N TRP B 79 -18.92 -21.19 26.67
CA TRP B 79 -17.56 -21.05 27.20
C TRP B 79 -17.42 -21.58 28.62
N TYR B 80 -16.38 -22.37 28.83
CA TYR B 80 -16.06 -22.91 30.15
C TYR B 80 -14.60 -22.62 30.49
N VAL B 81 -14.34 -22.28 31.75
CA VAL B 81 -12.99 -21.96 32.17
C VAL B 81 -12.45 -22.95 33.18
N GLY B 82 -11.14 -23.20 33.11
CA GLY B 82 -10.47 -24.03 34.09
C GLY B 82 -9.42 -23.22 34.81
N ASP B 83 -9.43 -23.30 36.13
CA ASP B 83 -8.52 -22.50 36.95
C ASP B 83 -7.40 -23.36 37.53
N PHE B 84 -6.16 -23.08 37.11
CA PHE B 84 -5.01 -23.80 37.62
C PHE B 84 -4.00 -22.84 38.25
N THR B 85 -4.52 -21.81 38.91
CA THR B 85 -3.70 -20.81 39.59
C THR B 85 -2.83 -21.44 40.67
N ALA B 86 -3.38 -22.43 41.36
CA ALA B 86 -2.71 -23.06 42.49
C ALA B 86 -1.42 -23.78 42.10
N LEU B 87 -1.24 -24.01 40.81
CA LEU B 87 -0.01 -24.59 40.30
C LEU B 87 1.10 -23.54 40.25
N ARG B 88 2.07 -23.67 41.15
CA ARG B 88 3.08 -22.63 41.32
C ARG B 88 4.45 -23.02 40.78
N VAL B 89 4.68 -24.31 40.59
CA VAL B 89 5.97 -24.79 40.09
C VAL B 89 6.17 -24.42 38.62
N PRO B 90 7.23 -23.65 38.33
CA PRO B 90 7.51 -23.21 36.96
C PRO B 90 7.86 -24.36 36.02
N GLY B 91 7.58 -24.19 34.74
CA GLY B 91 7.86 -25.21 33.74
C GLY B 91 6.86 -25.18 32.60
N THR B 92 6.90 -26.21 31.77
CA THR B 92 5.96 -26.34 30.66
C THR B 92 5.07 -27.56 30.85
N TYR B 93 3.77 -27.34 30.88
CA TYR B 93 2.82 -28.40 31.21
C TYR B 93 1.88 -28.75 30.06
N THR B 94 1.57 -30.03 29.93
CA THR B 94 0.62 -30.49 28.94
C THR B 94 -0.80 -30.49 29.51
N LEU B 95 -1.60 -29.52 29.09
CA LEU B 95 -2.97 -29.40 29.56
C LEU B 95 -3.92 -30.24 28.73
N THR B 96 -4.70 -31.10 29.39
CA THR B 96 -5.66 -31.94 28.70
C THR B 96 -7.07 -31.76 29.27
N VAL B 97 -8.04 -31.56 28.39
CA VAL B 97 -9.44 -31.51 28.78
C VAL B 97 -10.31 -32.07 27.67
N GLY B 98 -11.15 -33.05 28.00
CA GLY B 98 -11.94 -33.74 27.00
C GLY B 98 -11.05 -34.51 26.04
N THR B 99 -11.04 -34.08 24.78
CA THR B 99 -10.19 -34.69 23.77
C THR B 99 -9.24 -33.64 23.18
N LEU B 100 -8.92 -32.63 23.98
CA LEU B 100 -8.06 -31.54 23.52
C LEU B 100 -6.77 -31.47 24.34
N GLU B 101 -5.71 -30.99 23.71
CA GLU B 101 -4.43 -30.83 24.39
C GLU B 101 -3.80 -29.47 24.06
N ALA B 102 -3.00 -28.96 24.99
CA ALA B 102 -2.30 -27.70 24.79
C ALA B 102 -1.09 -27.60 25.71
N ARG B 103 -0.11 -26.80 25.32
CA ARG B 103 1.09 -26.60 26.13
C ARG B 103 1.08 -25.20 26.75
N VAL B 104 0.95 -25.14 28.07
CA VAL B 104 1.05 -23.89 28.79
C VAL B 104 2.38 -23.81 29.54
N VAL B 105 2.93 -22.62 29.66
CA VAL B 105 4.17 -22.45 30.40
C VAL B 105 3.96 -21.54 31.61
N ILE B 106 4.55 -21.94 32.73
CA ILE B 106 4.53 -21.12 33.94
C ILE B 106 5.95 -20.66 34.22
N HIS B 107 6.14 -19.34 34.26
CA HIS B 107 7.48 -18.79 34.44
C HIS B 107 7.48 -17.57 35.33
N ARG B 108 8.53 -17.45 36.13
CA ARG B 108 8.76 -16.23 36.89
C ARG B 108 9.14 -15.13 35.90
N ARG B 109 8.47 -13.99 36.00
CA ARG B 109 8.63 -12.89 35.05
C ARG B 109 8.37 -13.40 33.62
N ALA B 110 7.25 -14.08 33.44
CA ALA B 110 6.93 -14.73 32.18
C ALA B 110 6.70 -13.72 31.05
N TYR B 111 6.30 -12.51 31.40
CA TYR B 111 5.97 -11.50 30.41
C TYR B 111 7.12 -10.51 30.21
N ARG B 112 8.32 -10.89 30.66
CA ARG B 112 9.47 -10.00 30.57
C ARG B 112 9.90 -9.76 29.12
N ASP B 113 9.94 -10.83 28.33
CA ASP B 113 10.39 -10.74 26.95
C ASP B 113 9.42 -9.93 26.09
N VAL B 114 8.12 -10.15 26.27
CA VAL B 114 7.11 -9.48 25.47
C VAL B 114 6.99 -8.00 25.86
N LEU B 115 7.24 -7.69 27.12
CA LEU B 115 7.26 -6.30 27.57
C LEU B 115 8.41 -5.56 26.92
N GLU B 116 9.57 -6.21 26.91
CA GLU B 116 10.77 -5.65 26.31
C GLU B 116 10.56 -5.37 24.83
N ALA B 117 9.93 -6.31 24.14
CA ALA B 117 9.66 -6.17 22.72
C ALA B 117 8.64 -5.06 22.45
N MET B 118 7.69 -4.92 23.37
CA MET B 118 6.66 -3.89 23.24
C MET B 118 7.25 -2.49 23.35
N LEU B 119 8.26 -2.34 24.20
CA LEU B 119 8.90 -1.04 24.40
C LEU B 119 9.93 -0.76 23.31
N ARG B 120 10.60 -1.82 22.84
CA ARG B 120 11.59 -1.71 21.78
C ARG B 120 10.93 -1.38 20.44
N PHE B 121 9.63 -1.63 20.35
CA PHE B 121 8.85 -1.30 19.16
C PHE B 121 8.96 0.17 18.82
N PHE B 122 9.00 1.01 19.86
CA PHE B 122 9.12 2.45 19.68
C PHE B 122 10.44 2.81 19.03
N ASP B 123 11.49 2.09 19.38
CA ASP B 123 12.81 2.32 18.79
C ASP B 123 12.83 1.87 17.32
N TYR B 124 12.04 0.84 17.02
CA TYR B 124 11.88 0.39 15.63
C TYR B 124 11.15 1.44 14.82
N GLN B 125 10.35 2.26 15.49
CA GLN B 125 9.53 3.28 14.82
C GLN B 125 10.25 4.61 14.69
N LEU B 126 11.49 4.67 15.18
CA LEU B 126 12.26 5.90 15.18
C LEU B 126 12.45 6.49 13.78
N CYS B 127 12.31 7.80 13.68
CA CYS B 127 12.41 8.51 12.41
C CYS B 127 13.60 9.47 12.40
N GLY B 128 14.26 9.59 11.26
CA GLY B 128 15.38 10.51 11.12
C GLY B 128 16.65 10.05 11.80
N VAL B 129 16.67 8.80 12.27
CA VAL B 129 17.85 8.27 12.93
C VAL B 129 18.32 6.99 12.23
N VAL B 130 19.57 6.61 12.46
CA VAL B 130 20.12 5.40 11.89
C VAL B 130 19.92 4.21 12.83
N LEU B 131 19.28 3.16 12.31
CA LEU B 131 19.10 1.94 13.07
C LEU B 131 20.07 0.87 12.56
N PRO B 132 21.05 0.50 13.41
CA PRO B 132 22.08 -0.48 13.01
C PRO B 132 21.54 -1.90 12.93
N GLU B 133 22.26 -2.77 12.22
CA GLU B 133 21.84 -4.15 12.05
C GLU B 133 21.93 -4.92 13.36
N ASP B 134 22.87 -4.52 14.21
CA ASP B 134 23.09 -5.21 15.48
C ASP B 134 21.95 -4.95 16.48
N GLU B 135 21.03 -4.07 16.12
CA GLU B 135 19.88 -3.77 16.96
C GLU B 135 18.55 -3.98 16.25
N ALA B 136 18.48 -3.60 14.98
CA ALA B 136 17.23 -3.64 14.24
C ALA B 136 17.18 -4.83 13.27
N GLY B 137 18.31 -5.50 13.09
CA GLY B 137 18.38 -6.68 12.24
C GLY B 137 17.96 -6.44 10.80
N PRO B 138 16.96 -7.19 10.33
CA PRO B 138 16.43 -7.11 8.97
C PRO B 138 15.65 -5.82 8.70
N TRP B 139 15.43 -5.03 9.75
CA TRP B 139 14.69 -3.79 9.62
C TRP B 139 15.59 -2.59 9.88
N ALA B 140 16.89 -2.85 9.86
CA ALA B 140 17.88 -1.79 9.99
C ALA B 140 17.86 -0.89 8.75
N HIS B 141 17.99 0.41 8.97
CA HIS B 141 17.99 1.35 7.85
C HIS B 141 18.65 2.67 8.23
N GLY B 142 18.97 3.47 7.21
CA GLY B 142 19.54 4.78 7.43
C GLY B 142 18.49 5.78 7.86
N ALA B 143 18.92 7.00 8.14
CA ALA B 143 18.02 8.05 8.61
C ALA B 143 16.99 8.40 7.55
N CYS B 144 15.71 8.34 7.93
CA CYS B 144 14.61 8.57 7.00
C CYS B 144 13.92 9.90 7.25
N HIS B 145 13.36 10.49 6.18
CA HIS B 145 12.62 11.75 6.27
C HIS B 145 13.43 12.85 6.94
N THR B 146 14.68 13.03 6.50
CA THR B 146 15.58 13.99 7.12
C THR B 146 15.47 15.38 6.50
N SER B 147 14.74 15.47 5.40
CA SER B 147 14.55 16.75 4.72
C SER B 147 13.66 17.67 5.56
N ASP B 148 13.88 18.97 5.44
CA ASP B 148 13.07 19.94 6.15
C ASP B 148 11.62 19.91 5.67
N ALA B 149 10.70 20.18 6.60
CA ALA B 149 9.28 20.21 6.26
C ALA B 149 8.82 21.65 6.06
N LYS B 150 7.87 21.85 5.16
CA LYS B 150 7.35 23.19 4.89
C LYS B 150 5.98 23.40 5.52
N VAL B 151 5.81 24.55 6.17
CA VAL B 151 4.52 24.92 6.74
C VAL B 151 3.50 25.08 5.62
N PHE B 152 2.37 24.41 5.76
CA PHE B 152 1.32 24.43 4.74
C PHE B 152 0.85 25.84 4.41
N GLY B 153 0.63 26.10 3.13
CA GLY B 153 0.14 27.39 2.69
C GLY B 153 1.22 28.44 2.57
N THR B 154 2.42 28.10 3.03
CA THR B 154 3.54 29.04 3.00
C THR B 154 4.75 28.42 2.30
N GLU B 155 5.89 29.09 2.41
CA GLU B 155 7.13 28.59 1.81
C GLU B 155 8.21 28.44 2.89
N ARG B 156 7.82 28.63 4.14
CA ARG B 156 8.75 28.47 5.25
C ARG B 156 9.18 27.02 5.39
N ALA B 157 10.44 26.79 5.72
CA ALA B 157 10.96 25.43 5.89
C ALA B 157 11.44 25.22 7.33
N LEU B 158 10.83 24.25 8.00
CA LEU B 158 11.15 23.96 9.39
C LEU B 158 11.76 22.57 9.55
N ALA B 159 12.75 22.46 10.42
CA ALA B 159 13.37 21.16 10.70
C ALA B 159 12.63 20.43 11.82
N CYS B 160 11.99 19.32 11.49
CA CYS B 160 11.28 18.52 12.49
C CYS B 160 11.75 17.06 12.49
N PRO B 161 13.03 16.81 12.84
CA PRO B 161 13.54 15.44 12.80
C PRO B 161 13.22 14.67 14.08
N GLY B 162 13.55 13.39 14.10
CA GLY B 162 13.36 12.58 15.29
C GLY B 162 11.93 12.13 15.52
N GLY B 163 11.69 11.47 16.65
CA GLY B 163 10.36 10.99 16.98
C GLY B 163 10.06 9.63 16.41
N TRP B 164 8.79 9.25 16.45
CA TRP B 164 8.35 7.94 15.98
C TRP B 164 7.43 8.03 14.77
N HIS B 165 7.53 7.05 13.88
CA HIS B 165 6.49 6.82 12.89
C HIS B 165 5.25 6.36 13.66
N ASP B 166 4.13 7.02 13.41
CA ASP B 166 2.93 6.85 14.24
C ASP B 166 2.35 5.44 14.20
N ALA B 167 2.31 4.85 13.01
CA ALA B 167 1.61 3.58 12.83
C ALA B 167 2.21 2.73 11.72
N GLY B 168 1.35 2.26 10.83
CA GLY B 168 1.79 1.52 9.67
C GLY B 168 2.37 2.46 8.63
N ASP B 169 2.02 3.74 8.77
CA ASP B 169 2.55 4.78 7.89
C ASP B 169 3.77 5.43 8.50
N TYR B 170 4.19 6.56 7.93
CA TYR B 170 5.41 7.23 8.36
C TYR B 170 5.13 8.64 8.86
N GLY B 171 3.86 9.00 8.93
CA GLY B 171 3.47 10.31 9.43
C GLY B 171 3.74 10.43 10.92
N LYS B 172 3.98 11.66 11.36
CA LYS B 172 4.23 11.93 12.78
C LYS B 172 3.21 12.93 13.29
N TYR B 173 2.23 12.44 14.04
CA TYR B 173 1.08 13.24 14.46
C TYR B 173 1.17 13.61 15.94
N THR B 174 0.88 14.87 16.25
CA THR B 174 1.09 15.40 17.60
C THR B 174 0.08 14.87 18.63
N VAL B 175 -1.20 14.86 18.28
CA VAL B 175 -2.25 14.44 19.20
C VAL B 175 -2.07 13.00 19.72
N PRO B 176 -1.86 12.02 18.82
CA PRO B 176 -1.67 10.68 19.38
C PRO B 176 -0.30 10.49 20.02
N ALA B 177 0.65 11.36 19.67
CA ALA B 177 1.98 11.31 20.24
C ALA B 177 1.94 11.61 21.74
N ALA B 178 1.05 12.52 22.13
CA ALA B 178 0.92 12.91 23.52
C ALA B 178 0.47 11.75 24.39
N LYS B 179 -0.46 10.94 23.87
CA LYS B 179 -0.95 9.79 24.60
C LYS B 179 0.15 8.75 24.80
N ALA B 180 0.87 8.45 23.73
CA ALA B 180 1.96 7.48 23.76
C ALA B 180 3.04 7.90 24.77
N VAL B 181 3.35 9.19 24.77
CA VAL B 181 4.32 9.72 25.73
C VAL B 181 3.77 9.65 27.15
N ALA B 182 2.53 10.09 27.32
CA ALA B 182 1.89 10.10 28.63
C ALA B 182 1.83 8.69 29.24
N ASP B 183 1.47 7.71 28.43
CA ASP B 183 1.38 6.33 28.90
C ASP B 183 2.73 5.80 29.36
N LEU B 184 3.77 6.09 28.58
CA LEU B 184 5.12 5.63 28.90
C LEU B 184 5.65 6.27 30.19
N LEU B 185 5.36 7.56 30.36
CA LEU B 185 5.78 8.26 31.57
C LEU B 185 5.04 7.72 32.79
N LEU B 186 3.75 7.46 32.60
CA LEU B 186 2.92 6.88 33.66
C LEU B 186 3.42 5.49 34.03
N ALA B 187 3.87 4.74 33.03
CA ALA B 187 4.38 3.39 33.23
C ALA B 187 5.65 3.41 34.08
N HIS B 188 6.51 4.40 33.83
CA HIS B 188 7.74 4.54 34.59
C HIS B 188 7.46 4.92 36.04
N GLU B 189 6.52 5.85 36.24
CA GLU B 189 6.17 6.31 37.57
C GLU B 189 5.56 5.20 38.40
N TYR B 190 4.73 4.38 37.77
CA TYR B 190 4.01 3.31 38.46
C TYR B 190 4.84 2.05 38.64
N PHE B 191 5.48 1.59 37.56
CA PHE B 191 6.18 0.32 37.58
C PHE B 191 7.61 0.41 37.04
N PRO B 192 8.50 1.08 37.78
CA PRO B 192 9.88 1.27 37.32
C PRO B 192 10.73 0.02 37.41
N ALA B 193 10.45 -0.83 38.39
CA ALA B 193 11.24 -2.04 38.62
C ALA B 193 11.14 -3.02 37.45
N ALA B 194 9.91 -3.22 36.98
CA ALA B 194 9.67 -4.13 35.85
C ALA B 194 10.24 -3.56 34.57
N LEU B 195 10.18 -2.25 34.42
CA LEU B 195 10.67 -1.58 33.22
C LEU B 195 12.19 -1.44 33.21
N ALA B 196 12.81 -1.77 34.33
CA ALA B 196 14.26 -1.64 34.46
C ALA B 196 15.01 -2.75 33.73
N HIS B 197 14.28 -3.78 33.31
CA HIS B 197 14.89 -4.98 32.75
C HIS B 197 14.93 -5.01 31.21
N VAL B 198 14.14 -4.16 30.57
CA VAL B 198 14.10 -4.12 29.11
C VAL B 198 15.29 -3.33 28.56
N ARG B 199 15.93 -3.86 27.53
CA ARG B 199 17.07 -3.20 26.90
C ARG B 199 16.70 -2.60 25.56
N PRO B 200 16.55 -1.26 25.50
CA PRO B 200 16.28 -0.57 24.24
C PRO B 200 17.48 -0.56 23.31
N MET B 201 17.33 0.01 22.13
CA MET B 201 18.45 0.14 21.20
C MET B 201 19.40 1.22 21.69
N ARG B 202 20.42 0.81 22.45
CA ARG B 202 21.32 1.73 23.12
C ARG B 202 22.04 2.73 22.20
N SER B 203 22.55 2.25 21.08
CA SER B 203 23.43 3.07 20.24
C SER B 203 22.69 4.13 19.42
N VAL B 204 21.38 4.24 19.60
CA VAL B 204 20.60 5.25 18.86
C VAL B 204 20.09 6.33 19.79
N HIS B 205 20.33 6.17 21.09
CA HIS B 205 19.93 7.16 22.08
C HIS B 205 21.14 7.95 22.56
N ARG B 206 20.90 9.18 23.03
CA ARG B 206 21.97 10.03 23.51
C ARG B 206 22.28 9.79 24.99
N ALA B 207 23.53 10.05 25.36
CA ALA B 207 23.98 9.88 26.74
C ALA B 207 23.75 11.14 27.56
N PRO B 208 23.55 11.00 28.88
CA PRO B 208 23.53 9.76 29.66
C PRO B 208 22.23 8.96 29.49
N HIS B 209 22.35 7.63 29.44
CA HIS B 209 21.19 6.78 29.22
C HIS B 209 20.29 6.74 30.44
N LEU B 210 18.99 6.90 30.19
CA LEU B 210 17.99 6.97 31.25
C LEU B 210 17.35 5.60 31.46
N PRO B 211 16.48 5.47 32.49
CA PRO B 211 15.64 4.27 32.57
C PRO B 211 14.89 4.03 31.26
N PRO B 212 14.81 2.77 30.83
CA PRO B 212 14.32 2.33 29.52
C PRO B 212 13.06 3.04 29.03
N ALA B 213 12.05 3.18 29.87
CA ALA B 213 10.82 3.86 29.47
C ALA B 213 11.07 5.34 29.18
N LEU B 214 11.89 5.97 30.03
CA LEU B 214 12.23 7.37 29.85
C LEU B 214 13.24 7.55 28.72
N GLU B 215 14.17 6.59 28.62
CA GLU B 215 15.16 6.58 27.55
C GLU B 215 14.49 6.55 26.18
N VAL B 216 13.44 5.73 26.08
CA VAL B 216 12.70 5.57 24.84
C VAL B 216 11.78 6.76 24.55
N ALA B 217 11.06 7.19 25.57
CA ALA B 217 10.08 8.26 25.42
C ALA B 217 10.73 9.61 25.12
N ARG B 218 11.98 9.76 25.51
CA ARG B 218 12.70 11.03 25.32
C ARG B 218 12.83 11.41 23.85
N GLU B 219 12.96 10.39 23.00
CA GLU B 219 13.09 10.60 21.56
C GLU B 219 11.85 11.29 20.99
N GLU B 220 10.68 10.90 21.47
CA GLU B 220 9.43 11.49 21.01
C GLU B 220 9.22 12.88 21.61
N ILE B 221 9.62 13.04 22.86
CA ILE B 221 9.49 14.32 23.55
C ILE B 221 10.35 15.38 22.88
N ALA B 222 11.57 14.99 22.51
CA ALA B 222 12.50 15.88 21.82
C ALA B 222 11.91 16.39 20.51
N TRP B 223 11.32 15.48 19.74
CA TRP B 223 10.70 15.85 18.47
C TRP B 223 9.47 16.72 18.68
N LEU B 224 8.68 16.39 19.70
CA LEU B 224 7.46 17.14 20.02
C LEU B 224 7.76 18.62 20.27
N LEU B 225 8.90 18.89 20.89
CA LEU B 225 9.33 20.25 21.18
C LEU B 225 9.56 21.03 19.88
N THR B 226 10.01 20.33 18.86
CA THR B 226 10.32 20.96 17.57
C THR B 226 9.07 21.18 16.73
N MET B 227 7.91 20.80 17.28
CA MET B 227 6.64 20.97 16.59
C MET B 227 5.92 22.22 17.07
N GLN B 228 6.49 22.88 18.07
CA GLN B 228 5.89 24.10 18.62
C GLN B 228 6.46 25.35 17.97
N ASP B 229 5.57 26.19 17.45
CA ASP B 229 5.97 27.46 16.84
C ASP B 229 6.51 28.42 17.91
N PRO B 230 7.78 28.81 17.79
CA PRO B 230 8.43 29.72 18.74
C PRO B 230 7.75 31.08 18.82
N ALA B 231 7.05 31.45 17.75
CA ALA B 231 6.42 32.77 17.68
C ALA B 231 5.14 32.85 18.53
N THR B 232 4.27 31.86 18.38
CA THR B 232 2.98 31.89 19.05
C THR B 232 2.87 30.92 20.22
N GLY B 233 3.68 29.85 20.18
CA GLY B 233 3.61 28.81 21.20
C GLY B 233 2.66 27.71 20.78
N GLY B 234 1.98 27.92 19.66
CA GLY B 234 1.08 26.92 19.12
C GLY B 234 1.84 25.75 18.56
N VAL B 235 1.18 24.60 18.44
CA VAL B 235 1.82 23.39 17.97
C VAL B 235 1.18 22.88 16.69
N TYR B 236 1.99 22.59 15.69
CA TYR B 236 1.51 22.05 14.43
C TYR B 236 0.91 20.67 14.65
N HIS B 237 -0.19 20.39 13.94
CA HIS B 237 -0.94 19.16 14.14
C HIS B 237 -0.13 17.92 13.78
N LYS B 238 0.61 17.98 12.67
CA LYS B 238 1.35 16.83 12.18
C LYS B 238 2.36 17.22 11.11
N VAL B 239 3.35 16.35 10.90
CA VAL B 239 4.26 16.49 9.78
C VAL B 239 4.26 15.20 8.96
N THR B 240 3.64 15.27 7.78
CA THR B 240 3.51 14.10 6.92
C THR B 240 3.82 14.44 5.47
N THR B 241 4.01 13.41 4.65
CA THR B 241 3.99 13.55 3.21
C THR B 241 2.54 13.81 2.80
N PRO B 242 2.31 14.42 1.63
CA PRO B 242 0.94 14.71 1.22
C PRO B 242 0.03 13.49 1.19
N SER B 243 0.58 12.33 0.84
CA SER B 243 -0.19 11.09 0.78
C SER B 243 0.58 9.93 1.38
N PHE B 244 -0.11 8.80 1.57
CA PHE B 244 0.54 7.59 2.04
C PHE B 244 1.32 6.93 0.89
N PRO B 245 2.56 6.53 1.16
CA PRO B 245 3.32 5.74 0.18
C PRO B 245 2.77 4.32 0.13
N PRO B 246 3.11 3.55 -0.92
CA PRO B 246 2.65 2.16 -1.00
C PRO B 246 3.09 1.33 0.20
N LEU B 247 2.40 0.20 0.40
CA LEU B 247 2.61 -0.63 1.59
C LEU B 247 4.03 -1.18 1.71
N ASP B 248 4.70 -1.36 0.57
CA ASP B 248 6.02 -1.97 0.57
C ASP B 248 7.14 -0.94 0.41
N THR B 249 6.92 0.27 0.92
CA THR B 249 7.93 1.31 0.85
C THR B 249 8.77 1.37 2.11
N ARG B 250 10.08 1.18 1.96
CA ARG B 250 11.01 1.36 3.07
C ARG B 250 11.01 2.83 3.50
N PRO B 251 11.20 3.08 4.82
CA PRO B 251 11.15 4.44 5.33
C PRO B 251 12.19 5.37 4.70
N GLU B 252 13.40 4.85 4.46
CA GLU B 252 14.46 5.66 3.87
C GLU B 252 14.21 5.90 2.38
N ASP B 253 13.37 5.07 1.78
CA ASP B 253 13.05 5.21 0.36
C ASP B 253 11.88 6.17 0.16
N ASP B 254 11.23 6.55 1.25
CA ASP B 254 10.12 7.49 1.19
C ASP B 254 10.64 8.92 1.02
N ASP B 255 10.73 9.37 -0.21
CA ASP B 255 11.38 10.65 -0.52
C ASP B 255 10.39 11.78 -0.80
N ALA B 256 9.10 11.51 -0.63
CA ALA B 256 8.07 12.52 -0.85
C ALA B 256 8.27 13.70 0.10
N PRO B 257 7.92 14.92 -0.38
CA PRO B 257 8.11 16.14 0.41
C PRO B 257 7.33 16.14 1.72
N LEU B 258 7.95 16.65 2.79
CA LEU B 258 7.32 16.69 4.10
C LEU B 258 6.56 18.00 4.32
N VAL B 259 5.34 17.91 4.83
CA VAL B 259 4.50 19.07 5.03
C VAL B 259 4.01 19.19 6.47
N LEU B 260 4.15 20.38 7.04
CA LEU B 260 3.63 20.65 8.38
C LEU B 260 2.21 21.20 8.33
N SER B 261 1.24 20.39 8.73
CA SER B 261 -0.15 20.83 8.81
C SER B 261 -0.28 21.94 9.84
N PRO B 262 -1.25 22.84 9.65
CA PRO B 262 -1.44 24.02 10.51
C PRO B 262 -1.53 23.71 11.99
N ILE B 263 -1.29 24.73 12.82
CA ILE B 263 -1.43 24.62 14.26
C ILE B 263 -2.90 24.40 14.62
N SER B 264 -3.15 23.43 15.50
CA SER B 264 -4.51 23.16 15.94
C SER B 264 -4.64 23.29 17.45
N TYR B 265 -5.87 23.42 17.93
CA TYR B 265 -6.13 23.53 19.36
C TYR B 265 -5.85 22.21 20.07
N ALA B 266 -6.20 21.12 19.41
CA ALA B 266 -6.02 19.79 19.98
C ALA B 266 -4.54 19.46 20.17
N ALA B 267 -3.75 19.70 19.12
CA ALA B 267 -2.32 19.42 19.18
C ALA B 267 -1.64 20.27 20.24
N THR B 268 -1.98 21.56 20.28
CA THR B 268 -1.38 22.48 21.24
C THR B 268 -1.73 22.12 22.68
N ALA B 269 -2.97 21.68 22.90
CA ALA B 269 -3.43 21.35 24.24
C ALA B 269 -2.81 20.05 24.75
N THR B 270 -2.78 19.04 23.89
CA THR B 270 -2.22 17.74 24.27
C THR B 270 -0.70 17.83 24.41
N PHE B 271 -0.07 18.63 23.56
CA PHE B 271 1.36 18.92 23.68
C PHE B 271 1.65 19.55 25.03
N CYS B 272 0.82 20.51 25.41
CA CYS B 272 0.96 21.22 26.68
C CYS B 272 0.96 20.26 27.86
N ALA B 273 -0.05 19.41 27.91
CA ALA B 273 -0.18 18.44 28.99
C ALA B 273 0.96 17.43 28.99
N ALA B 274 1.40 17.04 27.79
CA ALA B 274 2.47 16.07 27.65
C ALA B 274 3.80 16.62 28.17
N MET B 275 4.12 17.84 27.76
CA MET B 275 5.36 18.48 28.16
C MET B 275 5.35 18.86 29.64
N ALA B 276 4.18 19.28 30.13
CA ALA B 276 4.02 19.59 31.54
C ALA B 276 4.18 18.32 32.36
N HIS B 277 3.76 17.20 31.79
CA HIS B 277 3.91 15.90 32.43
C HIS B 277 5.37 15.46 32.42
N ALA B 278 6.03 15.70 31.29
CA ALA B 278 7.44 15.33 31.12
C ALA B 278 8.34 16.20 31.97
N ALA B 279 7.91 17.43 32.24
CA ALA B 279 8.70 18.38 33.03
C ALA B 279 8.93 17.86 34.45
N LEU B 280 7.89 17.30 35.05
CA LEU B 280 7.98 16.76 36.40
C LEU B 280 8.82 15.48 36.44
N VAL B 281 8.53 14.56 35.53
CA VAL B 281 9.16 13.24 35.52
C VAL B 281 10.67 13.30 35.22
N TYR B 282 11.05 14.15 34.27
CA TYR B 282 12.43 14.20 33.80
C TYR B 282 13.35 15.12 34.62
N ARG B 283 12.81 15.71 35.67
CA ARG B 283 13.58 16.66 36.48
C ARG B 283 14.82 16.03 37.13
N PRO B 284 14.68 14.85 37.78
CA PRO B 284 15.90 14.31 38.38
C PRO B 284 16.79 13.55 37.39
N PHE B 285 16.36 13.48 36.14
CA PHE B 285 17.10 12.74 35.12
C PHE B 285 17.74 13.68 34.10
N ASP B 286 16.94 14.62 33.60
CA ASP B 286 17.41 15.57 32.59
C ASP B 286 16.88 16.97 32.90
N PRO B 287 17.57 17.72 33.77
CA PRO B 287 17.18 19.06 34.21
C PRO B 287 17.00 20.03 33.05
N ALA B 288 17.87 19.95 32.06
CA ALA B 288 17.79 20.82 30.88
C ALA B 288 16.50 20.57 30.11
N LEU B 289 16.18 19.30 29.87
CA LEU B 289 14.96 18.94 29.16
C LEU B 289 13.72 19.27 29.97
N SER B 290 13.78 19.00 31.27
CA SER B 290 12.66 19.26 32.17
C SER B 290 12.29 20.73 32.20
N SER B 291 13.29 21.60 32.28
CA SER B 291 13.07 23.03 32.30
C SER B 291 12.51 23.52 30.96
N CYS B 292 13.05 22.97 29.88
CA CYS B 292 12.60 23.31 28.53
C CYS B 292 11.14 22.88 28.30
N CYS B 293 10.78 21.71 28.82
CA CYS B 293 9.41 21.20 28.68
C CYS B 293 8.42 22.08 29.43
N ALA B 294 8.81 22.52 30.62
CA ALA B 294 7.94 23.37 31.43
C ALA B 294 7.66 24.70 30.74
N ASP B 295 8.69 25.26 30.10
CA ASP B 295 8.54 26.51 29.37
C ASP B 295 7.64 26.32 28.17
N ALA B 296 7.80 25.19 27.49
CA ALA B 296 6.99 24.87 26.32
C ALA B 296 5.52 24.70 26.71
N ALA B 297 5.29 24.04 27.85
CA ALA B 297 3.95 23.82 28.35
C ALA B 297 3.28 25.14 28.72
N ARG B 298 4.06 26.07 29.26
CA ARG B 298 3.56 27.38 29.66
C ARG B 298 3.13 28.19 28.44
N ARG B 299 3.98 28.19 27.40
CA ARG B 299 3.68 28.94 26.18
C ARG B 299 2.55 28.28 25.40
N ALA B 300 2.41 26.97 25.55
CA ALA B 300 1.36 26.23 24.85
C ALA B 300 -0.01 26.57 25.41
N TYR B 301 -0.10 26.67 26.74
CA TYR B 301 -1.36 27.04 27.39
C TYR B 301 -1.66 28.51 27.16
N ALA B 302 -0.60 29.32 27.05
CA ALA B 302 -0.74 30.73 26.74
C ALA B 302 -1.39 30.90 25.37
N TRP B 303 -1.13 29.93 24.49
CA TRP B 303 -1.73 29.93 23.16
C TRP B 303 -3.20 29.53 23.22
N LEU B 304 -3.52 28.62 24.13
CA LEU B 304 -4.89 28.12 24.28
C LEU B 304 -5.85 29.22 24.71
N GLY B 305 -5.43 30.04 25.67
CA GLY B 305 -6.28 31.10 26.19
C GLY B 305 -6.39 32.30 25.27
N ALA B 306 -5.81 32.18 24.08
CA ALA B 306 -5.84 33.28 23.11
C ALA B 306 -6.46 32.84 21.79
N HIS B 307 -6.87 31.58 21.70
CA HIS B 307 -7.47 31.05 20.49
C HIS B 307 -8.75 30.26 20.78
N GLU B 308 -9.60 30.13 19.76
CA GLU B 308 -10.86 29.40 19.90
C GLU B 308 -10.65 27.90 19.79
N MET B 309 -11.61 27.14 20.30
CA MET B 309 -11.57 25.69 20.22
C MET B 309 -11.95 25.21 18.82
N GLN B 310 -11.04 25.36 17.88
CA GLN B 310 -11.28 24.95 16.51
C GLN B 310 -10.78 23.53 16.24
N PRO B 311 -11.71 22.62 15.89
CA PRO B 311 -11.35 21.25 15.52
C PRO B 311 -10.46 21.23 14.28
N PHE B 312 -9.53 20.27 14.21
CA PHE B 312 -8.63 20.20 13.07
C PHE B 312 -9.30 19.51 11.88
N HIS B 313 -8.96 20.00 10.69
CA HIS B 313 -9.37 19.37 9.44
C HIS B 313 -8.19 19.33 8.49
N ASN B 314 -8.04 18.23 7.77
CA ASN B 314 -6.95 18.10 6.81
C ASN B 314 -7.01 19.17 5.74
N PRO B 315 -5.87 19.84 5.51
CA PRO B 315 -5.75 20.84 4.45
C PRO B 315 -5.95 20.23 3.08
N ASP B 316 -6.26 21.04 2.07
CA ASP B 316 -6.43 20.56 0.71
C ASP B 316 -5.12 19.96 0.20
N GLY B 317 -5.18 18.75 -0.35
CA GLY B 317 -4.01 18.08 -0.86
C GLY B 317 -3.36 17.18 0.17
N ILE B 318 -3.69 17.40 1.44
CA ILE B 318 -3.16 16.58 2.54
C ILE B 318 -4.15 15.45 2.86
N LEU B 319 -3.76 14.22 2.57
CA LEU B 319 -4.66 13.08 2.68
C LEU B 319 -4.25 12.08 3.76
N THR B 320 -3.29 12.46 4.60
CA THR B 320 -2.83 11.56 5.66
C THR B 320 -3.76 11.58 6.87
N GLY B 321 -3.36 10.90 7.92
CA GLY B 321 -4.16 10.78 9.13
C GLY B 321 -4.61 12.11 9.70
N GLU B 322 -5.92 12.32 9.74
CA GLU B 322 -6.47 13.59 10.18
C GLU B 322 -6.36 13.78 11.70
N TYR B 323 -6.77 12.74 12.44
CA TYR B 323 -6.84 12.80 13.90
C TYR B 323 -7.65 14.01 14.36
N GLY B 324 -8.81 14.20 13.74
CA GLY B 324 -9.69 15.29 14.09
C GLY B 324 -10.47 15.00 15.37
N ASP B 325 -11.13 16.02 15.89
CA ASP B 325 -11.84 15.89 17.16
C ASP B 325 -12.77 17.08 17.37
N ALA B 326 -14.07 16.80 17.46
CA ALA B 326 -15.09 17.84 17.59
C ALA B 326 -15.17 18.39 19.01
N GLU B 327 -14.96 17.51 19.99
CA GLU B 327 -14.99 17.91 21.40
C GLU B 327 -13.57 18.16 21.93
N LEU B 328 -13.30 19.38 22.36
CA LEU B 328 -11.95 19.78 22.73
C LEU B 328 -11.80 20.23 24.19
N ARG B 329 -12.87 20.09 24.97
CA ARG B 329 -12.85 20.55 26.36
C ARG B 329 -12.04 19.60 27.26
N ASP B 330 -11.98 18.34 26.89
CA ASP B 330 -11.19 17.37 27.64
C ASP B 330 -9.69 17.63 27.45
N GLU B 331 -9.33 18.21 26.32
CA GLU B 331 -7.95 18.60 26.06
C GLU B 331 -7.56 19.76 26.96
N LEU B 332 -8.45 20.74 27.08
CA LEU B 332 -8.23 21.88 27.97
C LEU B 332 -8.21 21.41 29.43
N LEU B 333 -9.04 20.41 29.72
CA LEU B 333 -9.08 19.81 31.04
C LEU B 333 -7.74 19.18 31.38
N TRP B 334 -7.21 18.38 30.44
CA TRP B 334 -5.93 17.72 30.62
C TRP B 334 -4.81 18.74 30.77
N ALA B 335 -4.81 19.75 29.89
CA ALA B 335 -3.78 20.78 29.90
C ALA B 335 -3.77 21.55 31.22
N SER B 336 -4.96 21.94 31.67
CA SER B 336 -5.10 22.69 32.92
C SER B 336 -4.66 21.86 34.12
N CYS B 337 -5.11 20.61 34.16
CA CYS B 337 -4.78 19.72 35.28
C CYS B 337 -3.32 19.32 35.28
N ALA B 338 -2.72 19.23 34.10
CA ALA B 338 -1.32 18.88 33.98
C ALA B 338 -0.43 19.99 34.53
N LEU B 339 -0.76 21.22 34.17
CA LEU B 339 -0.02 22.38 34.66
C LEU B 339 -0.22 22.55 36.16
N LEU B 340 -1.43 22.25 36.63
CA LEU B 340 -1.75 22.30 38.05
C LEU B 340 -0.79 21.45 38.87
N ARG B 341 -0.54 20.23 38.39
CA ARG B 341 0.34 19.31 39.11
C ARG B 341 1.80 19.70 38.92
N MET B 342 2.09 20.40 37.82
CA MET B 342 3.46 20.81 37.53
C MET B 342 3.92 21.94 38.45
N THR B 343 3.11 22.99 38.53
CA THR B 343 3.48 24.16 39.32
C THR B 343 3.07 24.03 40.78
N GLY B 344 1.99 23.31 41.03
CA GLY B 344 1.48 23.14 42.39
C GLY B 344 0.66 24.31 42.88
N ASP B 345 0.52 25.33 42.02
CA ASP B 345 -0.25 26.51 42.37
C ASP B 345 -1.74 26.20 42.44
N SER B 346 -2.36 26.53 43.57
CA SER B 346 -3.77 26.24 43.80
C SER B 346 -4.69 27.12 42.98
N ALA B 347 -4.13 28.13 42.32
CA ALA B 347 -4.90 29.03 41.48
C ALA B 347 -5.40 28.30 40.24
N TRP B 348 -4.73 27.21 39.88
CA TRP B 348 -5.11 26.40 38.73
C TRP B 348 -6.35 25.57 39.00
N ALA B 349 -6.71 25.41 40.27
CA ALA B 349 -7.88 24.62 40.64
C ALA B 349 -9.17 25.27 40.16
N ARG B 350 -9.16 26.59 40.01
CA ARG B 350 -10.36 27.34 39.65
C ARG B 350 -10.75 27.13 38.19
N VAL B 351 -9.83 26.61 37.39
CA VAL B 351 -10.12 26.33 35.98
C VAL B 351 -10.26 24.83 35.76
N CYS B 352 -9.61 24.04 36.62
CA CYS B 352 -9.65 22.59 36.51
C CYS B 352 -11.00 22.02 36.94
N GLU B 353 -11.41 22.36 38.17
CA GLU B 353 -12.64 21.87 38.77
C GLU B 353 -13.92 22.08 37.93
N PRO B 354 -14.12 23.28 37.33
CA PRO B 354 -15.32 23.45 36.50
C PRO B 354 -15.35 22.50 35.31
N LEU B 355 -14.18 22.22 34.74
CA LEU B 355 -14.07 21.30 33.62
C LEU B 355 -14.29 19.85 34.07
N LEU B 356 -13.82 19.55 35.27
CA LEU B 356 -13.96 18.21 35.85
C LEU B 356 -15.40 17.88 36.21
N ASP B 357 -16.24 18.92 36.29
CA ASP B 357 -17.63 18.73 36.65
C ASP B 357 -18.48 18.47 35.40
N LEU B 358 -17.92 18.75 34.23
CA LEU B 358 -18.61 18.52 32.96
C LEU B 358 -18.87 17.03 32.74
N ASP B 359 -19.88 16.73 31.92
CA ASP B 359 -20.22 15.35 31.60
C ASP B 359 -19.38 14.85 30.42
N LEU B 360 -18.06 15.02 30.53
CA LEU B 360 -17.13 14.53 29.52
C LEU B 360 -16.82 13.07 29.76
N PRO B 361 -16.60 12.31 28.68
CA PRO B 361 -16.14 10.93 28.81
C PRO B 361 -14.74 10.86 29.43
N TRP B 362 -14.62 10.20 30.57
CA TRP B 362 -13.31 10.05 31.23
C TRP B 362 -12.56 8.86 30.65
N GLU B 363 -11.90 9.08 29.52
CA GLU B 363 -11.19 8.01 28.84
C GLU B 363 -9.72 8.36 28.62
N LEU B 364 -8.96 7.41 28.07
CA LEU B 364 -7.52 7.56 27.96
C LEU B 364 -7.01 7.66 26.53
N GLY B 365 -7.63 8.54 25.74
CA GLY B 365 -7.12 8.85 24.43
C GLY B 365 -7.57 7.94 23.29
N TRP B 366 -7.22 8.31 22.07
CA TRP B 366 -6.42 9.50 21.81
C TRP B 366 -7.28 10.75 21.68
N ALA B 367 -8.56 10.56 21.36
CA ALA B 367 -9.48 11.67 21.16
C ALA B 367 -10.04 12.18 22.48
N ASP B 368 -10.49 11.26 23.33
CA ASP B 368 -11.07 11.63 24.61
C ASP B 368 -10.06 11.38 25.74
N VAL B 369 -9.45 12.46 26.22
CA VAL B 369 -8.31 12.37 27.11
C VAL B 369 -8.57 12.86 28.53
N ALA B 370 -9.85 12.96 28.91
CA ALA B 370 -10.24 13.57 30.18
C ALA B 370 -9.65 12.84 31.39
N LEU B 371 -9.52 11.53 31.30
CA LEU B 371 -9.04 10.74 32.43
C LEU B 371 -7.59 11.05 32.77
N TYR B 372 -6.81 11.44 31.76
CA TYR B 372 -5.43 11.86 31.99
C TYR B 372 -5.40 13.09 32.89
N GLY B 373 -6.32 14.02 32.65
CA GLY B 373 -6.43 15.22 33.47
C GLY B 373 -6.93 14.89 34.86
N VAL B 374 -7.84 13.93 34.94
CA VAL B 374 -8.37 13.47 36.22
C VAL B 374 -7.26 12.94 37.11
N MET B 375 -6.35 12.16 36.51
CA MET B 375 -5.24 11.57 37.25
C MET B 375 -4.28 12.63 37.78
N ASP B 376 -3.83 13.53 36.90
CA ASP B 376 -2.96 14.63 37.30
C ASP B 376 -3.57 15.45 38.42
N TYR B 377 -4.87 15.72 38.28
CA TYR B 377 -5.63 16.48 39.27
C TYR B 377 -5.72 15.72 40.59
N LEU B 378 -5.82 14.40 40.51
CA LEU B 378 -5.94 13.56 41.69
C LEU B 378 -4.58 13.34 42.36
N ARG B 379 -3.51 13.51 41.59
CA ARG B 379 -2.16 13.37 42.13
C ARG B 379 -1.65 14.70 42.66
N THR B 380 -2.47 15.73 42.51
CA THR B 380 -2.16 17.03 43.11
C THR B 380 -2.55 17.03 44.58
N PRO B 381 -1.61 17.39 45.46
CA PRO B 381 -1.82 17.42 46.91
C PRO B 381 -3.13 18.08 47.33
N ARG B 382 -3.75 17.57 48.39
CA ARG B 382 -5.06 18.02 48.84
C ARG B 382 -5.11 19.51 49.22
N ALA B 383 -3.95 20.09 49.54
CA ALA B 383 -3.89 21.49 49.94
C ALA B 383 -4.26 22.43 48.81
N ALA B 384 -3.91 22.06 47.59
CA ALA B 384 -4.08 22.95 46.43
C ALA B 384 -5.47 22.84 45.82
N VAL B 385 -6.35 22.04 46.42
CA VAL B 385 -7.65 21.78 45.83
C VAL B 385 -8.74 21.49 46.86
N SER B 386 -9.96 21.93 46.57
CA SER B 386 -11.12 21.65 47.42
C SER B 386 -11.31 20.15 47.62
N ASP B 387 -11.43 19.72 48.87
CA ASP B 387 -11.66 18.32 49.17
C ASP B 387 -13.07 17.89 48.78
N ASP B 388 -13.94 18.88 48.59
CA ASP B 388 -15.31 18.62 48.16
C ASP B 388 -15.37 18.13 46.72
N VAL B 389 -14.76 18.91 45.82
CA VAL B 389 -14.73 18.56 44.41
C VAL B 389 -13.86 17.32 44.20
N ARG B 390 -12.84 17.16 45.04
CA ARG B 390 -11.91 16.05 44.94
C ARG B 390 -12.59 14.72 45.24
N ASN B 391 -13.37 14.68 46.32
CA ASN B 391 -14.08 13.47 46.72
C ASN B 391 -15.13 13.06 45.69
N LYS B 392 -15.68 14.03 44.97
CA LYS B 392 -16.69 13.74 43.96
C LYS B 392 -16.05 13.12 42.72
N VAL B 393 -14.84 13.55 42.41
CA VAL B 393 -14.08 12.99 41.30
C VAL B 393 -13.74 11.53 41.58
N LYS B 394 -13.35 11.25 42.82
CA LYS B 394 -13.07 9.89 43.26
C LYS B 394 -14.32 9.02 43.17
N SER B 395 -15.46 9.64 43.45
CA SER B 395 -16.73 8.92 43.45
C SER B 395 -17.20 8.55 42.04
N ARG B 396 -17.08 9.49 41.10
CA ARG B 396 -17.43 9.18 39.71
C ARG B 396 -16.48 8.14 39.16
N LEU B 397 -15.19 8.33 39.43
CA LEU B 397 -14.15 7.41 38.99
C LEU B 397 -14.44 5.98 39.44
N LEU B 398 -14.93 5.84 40.66
CA LEU B 398 -15.27 4.52 41.19
C LEU B 398 -16.50 3.97 40.48
N ARG B 399 -17.45 4.86 40.16
CA ARG B 399 -18.63 4.45 39.40
C ARG B 399 -18.25 4.04 37.99
N GLU B 400 -17.25 4.72 37.43
CA GLU B 400 -16.72 4.36 36.12
C GLU B 400 -16.13 2.95 36.16
N LEU B 401 -15.35 2.68 37.20
CA LEU B 401 -14.72 1.38 37.38
C LEU B 401 -15.76 0.28 37.61
N ASP B 402 -16.83 0.62 38.33
CA ASP B 402 -17.91 -0.32 38.59
C ASP B 402 -18.59 -0.74 37.30
N ALA B 403 -18.76 0.21 36.39
CA ALA B 403 -19.37 -0.06 35.10
C ALA B 403 -18.53 -1.02 34.28
N LEU B 404 -17.21 -0.84 34.34
CA LEU B 404 -16.28 -1.70 33.61
C LEU B 404 -16.23 -3.10 34.22
N ALA B 405 -16.28 -3.16 35.53
CA ALA B 405 -16.28 -4.44 36.25
C ALA B 405 -17.52 -5.25 35.90
N ALA B 406 -18.63 -4.55 35.70
CA ALA B 406 -19.89 -5.19 35.32
C ALA B 406 -19.79 -5.80 33.93
N MET B 407 -19.00 -5.16 33.06
CA MET B 407 -18.74 -5.70 31.73
C MET B 407 -17.93 -6.97 31.83
N ALA B 408 -16.85 -6.92 32.62
CA ALA B 408 -15.95 -8.04 32.80
C ALA B 408 -16.66 -9.25 33.39
N GLU B 409 -17.55 -9.01 34.34
CA GLU B 409 -18.27 -10.09 35.01
C GLU B 409 -19.25 -10.76 34.04
N SER B 410 -19.74 -9.99 33.08
CA SER B 410 -20.65 -10.50 32.08
C SER B 410 -19.91 -11.16 30.93
N HIS B 411 -18.67 -10.74 30.71
CA HIS B 411 -17.89 -11.22 29.58
C HIS B 411 -17.29 -12.60 29.85
N PRO B 412 -17.36 -13.49 28.85
CA PRO B 412 -16.84 -14.86 28.94
C PRO B 412 -15.35 -14.92 29.28
N PHE B 413 -14.59 -13.91 28.88
CA PHE B 413 -13.16 -13.87 29.12
C PHE B 413 -12.79 -12.89 30.22
N GLY B 414 -13.79 -12.39 30.94
CA GLY B 414 -13.57 -11.53 32.07
C GLY B 414 -12.90 -10.20 31.76
N ILE B 415 -13.11 -9.70 30.53
CA ILE B 415 -12.56 -8.42 30.13
C ILE B 415 -13.66 -7.35 30.09
N PRO B 416 -13.29 -6.10 30.44
CA PRO B 416 -14.27 -5.00 30.46
C PRO B 416 -14.67 -4.54 29.06
N MET B 417 -15.41 -5.38 28.34
CA MET B 417 -15.82 -5.07 26.98
C MET B 417 -17.23 -5.58 26.66
N ARG B 418 -17.96 -4.79 25.89
CA ARG B 418 -19.19 -5.28 25.27
C ARG B 418 -18.88 -5.56 23.80
N ASP B 419 -19.79 -6.26 23.12
CA ASP B 419 -19.60 -6.57 21.70
C ASP B 419 -19.45 -5.29 20.88
N ASP B 420 -20.20 -4.26 21.25
CA ASP B 420 -20.17 -2.99 20.53
C ASP B 420 -18.87 -2.21 20.77
N ASP B 421 -18.11 -2.61 21.78
CA ASP B 421 -16.84 -1.95 22.11
C ASP B 421 -15.73 -2.36 21.17
N PHE B 422 -15.92 -3.49 20.49
CA PHE B 422 -14.89 -3.99 19.59
C PHE B 422 -14.93 -3.26 18.25
N ILE B 423 -14.39 -2.05 18.27
CA ILE B 423 -14.31 -1.19 17.10
C ILE B 423 -12.87 -1.14 16.59
N TRP B 424 -12.56 -0.09 15.82
CA TRP B 424 -11.21 0.14 15.35
C TRP B 424 -10.26 0.36 16.54
N GLY B 425 -9.23 -0.48 16.62
CA GLY B 425 -8.30 -0.41 17.73
C GLY B 425 -8.94 -0.88 19.04
N SER B 426 -9.69 -1.97 18.95
CA SER B 426 -10.41 -2.51 20.10
C SER B 426 -9.45 -2.97 21.20
N ASN B 427 -8.27 -3.43 20.79
CA ASN B 427 -7.25 -3.84 21.75
C ASN B 427 -6.80 -2.68 22.61
N MET B 428 -6.81 -1.47 22.04
CA MET B 428 -6.46 -0.27 22.79
C MET B 428 -7.57 0.10 23.76
N VAL B 429 -8.80 -0.06 23.31
CA VAL B 429 -9.97 0.21 24.15
C VAL B 429 -9.92 -0.67 25.40
N LEU B 430 -9.61 -1.94 25.19
CA LEU B 430 -9.48 -2.89 26.29
C LEU B 430 -8.33 -2.51 27.22
N LEU B 431 -7.15 -2.30 26.64
CA LEU B 431 -5.97 -1.98 27.42
C LEU B 431 -6.09 -0.65 28.18
N ASN B 432 -6.79 0.30 27.57
CA ASN B 432 -7.04 1.59 28.22
C ASN B 432 -7.90 1.41 29.48
N ARG B 433 -8.90 0.54 29.38
CA ARG B 433 -9.82 0.30 30.49
C ARG B 433 -9.13 -0.48 31.62
N ALA B 434 -8.27 -1.42 31.25
CA ALA B 434 -7.48 -2.14 32.24
C ALA B 434 -6.49 -1.18 32.89
N MET B 435 -6.00 -0.23 32.11
CA MET B 435 -5.07 0.78 32.59
C MET B 435 -5.76 1.72 33.59
N ALA B 436 -7.05 1.97 33.36
CA ALA B 436 -7.84 2.83 34.22
C ALA B 436 -7.93 2.27 35.64
N PHE B 437 -8.13 0.96 35.74
CA PHE B 437 -8.18 0.30 37.04
C PHE B 437 -6.86 0.44 37.79
N LEU B 438 -5.77 0.23 37.06
CA LEU B 438 -4.43 0.26 37.65
C LEU B 438 -4.01 1.68 38.02
N LEU B 439 -4.39 2.65 37.19
CA LEU B 439 -4.10 4.04 37.48
C LEU B 439 -4.84 4.51 38.73
N ALA B 440 -6.09 4.10 38.85
CA ALA B 440 -6.95 4.51 39.97
C ALA B 440 -6.41 4.03 41.30
N GLU B 441 -5.72 2.89 41.30
CA GLU B 441 -5.12 2.37 42.52
C GLU B 441 -4.02 3.28 43.04
N GLY B 442 -3.35 3.98 42.12
CA GLY B 442 -2.29 4.90 42.47
C GLY B 442 -2.78 6.06 43.30
N VAL B 443 -4.03 6.45 43.10
CA VAL B 443 -4.61 7.57 43.83
C VAL B 443 -5.65 7.12 44.86
N GLY B 444 -5.51 5.87 45.32
CA GLY B 444 -6.33 5.38 46.42
C GLY B 444 -7.73 4.90 46.05
N VAL B 445 -8.08 5.01 44.78
CA VAL B 445 -9.37 4.51 44.31
C VAL B 445 -9.21 3.05 43.87
N LEU B 446 -9.17 2.15 44.84
CA LEU B 446 -8.88 0.75 44.56
C LEU B 446 -10.15 -0.07 44.37
N HIS B 447 -10.31 -0.63 43.17
CA HIS B 447 -11.40 -1.55 42.88
C HIS B 447 -10.86 -2.98 42.94
N PRO B 448 -11.61 -3.89 43.61
CA PRO B 448 -11.15 -5.26 43.83
C PRO B 448 -10.87 -6.05 42.54
N ALA B 449 -11.48 -5.66 41.43
CA ALA B 449 -11.32 -6.39 40.18
C ALA B 449 -10.19 -5.84 39.32
N ALA B 450 -9.43 -4.89 39.87
CA ALA B 450 -8.40 -4.19 39.12
C ALA B 450 -7.32 -5.11 38.57
N HIS B 451 -6.82 -6.01 39.41
CA HIS B 451 -5.71 -6.88 39.03
C HIS B 451 -6.18 -8.14 38.29
N THR B 452 -7.44 -8.51 38.51
CA THR B 452 -8.02 -9.61 37.76
C THR B 452 -8.22 -9.18 36.30
N VAL B 453 -8.67 -7.95 36.12
CA VAL B 453 -8.86 -7.38 34.79
C VAL B 453 -7.54 -7.28 34.03
N ALA B 454 -6.50 -6.83 34.72
CA ALA B 454 -5.17 -6.68 34.12
C ALA B 454 -4.64 -8.01 33.59
N GLN B 455 -4.90 -9.08 34.34
CA GLN B 455 -4.47 -10.42 33.93
C GLN B 455 -5.33 -10.93 32.78
N ARG B 456 -6.63 -10.67 32.85
CA ARG B 456 -7.56 -11.09 31.80
C ARG B 456 -7.28 -10.36 30.49
N ALA B 457 -6.92 -9.09 30.60
CA ALA B 457 -6.58 -8.28 29.43
C ALA B 457 -5.37 -8.85 28.70
N ALA B 458 -4.39 -9.30 29.47
CA ALA B 458 -3.19 -9.91 28.91
C ALA B 458 -3.50 -11.29 28.33
N ASP B 459 -4.34 -12.04 29.04
CA ASP B 459 -4.78 -13.35 28.56
C ASP B 459 -5.42 -13.21 27.18
N TYR B 460 -6.39 -12.31 27.07
CA TYR B 460 -7.06 -12.03 25.82
C TYR B 460 -6.08 -11.62 24.72
N LEU B 461 -5.18 -10.70 25.07
CA LEU B 461 -4.24 -10.14 24.10
C LEU B 461 -3.26 -11.20 23.60
N PHE B 462 -3.06 -12.25 24.40
CA PHE B 462 -2.05 -13.26 24.09
C PHE B 462 -2.66 -14.58 23.63
N GLY B 463 -3.95 -14.58 23.30
CA GLY B 463 -4.55 -15.77 22.73
C GLY B 463 -5.86 -16.24 23.33
N ALA B 464 -6.19 -15.77 24.53
CA ALA B 464 -7.45 -16.15 25.16
C ALA B 464 -8.61 -15.38 24.55
N ASN B 465 -9.02 -15.78 23.35
CA ASN B 465 -10.10 -15.13 22.62
C ASN B 465 -10.70 -16.13 21.64
N PRO B 466 -11.93 -15.87 21.15
CA PRO B 466 -12.59 -16.79 20.22
C PRO B 466 -11.77 -17.17 18.99
N LEU B 467 -10.81 -16.32 18.62
CA LEU B 467 -9.97 -16.61 17.46
C LEU B 467 -8.69 -17.37 17.85
N GLY B 468 -8.40 -17.40 19.14
CA GLY B 468 -7.17 -18.01 19.63
C GLY B 468 -5.97 -17.28 19.06
N GLN B 469 -6.13 -15.98 18.87
CA GLN B 469 -5.12 -15.15 18.22
C GLN B 469 -4.29 -14.37 19.22
N CYS B 470 -2.97 -14.46 19.08
CA CYS B 470 -2.09 -13.57 19.83
C CYS B 470 -1.93 -12.28 19.05
N TYR B 471 -2.44 -11.19 19.61
CA TYR B 471 -2.48 -9.91 18.90
C TYR B 471 -1.17 -9.14 18.99
N VAL B 472 -0.08 -9.85 19.28
CA VAL B 472 1.24 -9.26 19.29
C VAL B 472 2.18 -10.03 18.37
N THR B 473 2.94 -9.30 17.54
CA THR B 473 3.86 -9.94 16.61
C THR B 473 5.04 -10.59 17.32
N GLY B 474 5.43 -11.76 16.85
CA GLY B 474 6.63 -12.43 17.35
C GLY B 474 6.46 -13.20 18.65
N PHE B 475 5.22 -13.35 19.10
CA PHE B 475 4.95 -14.06 20.35
C PHE B 475 3.71 -14.94 20.26
N GLY B 476 3.70 -16.00 21.07
CA GLY B 476 2.57 -16.91 21.11
C GLY B 476 2.67 -18.01 20.08
N GLN B 477 1.69 -18.91 20.08
CA GLN B 477 1.66 -20.01 19.11
C GLN B 477 0.98 -19.57 17.83
N ARG B 478 0.06 -18.61 17.94
CA ARG B 478 -0.56 -18.00 16.77
C ARG B 478 -0.31 -16.49 16.80
N PRO B 479 0.92 -16.08 16.42
CA PRO B 479 1.28 -14.66 16.43
C PRO B 479 0.69 -13.91 15.24
N VAL B 480 0.73 -12.58 15.29
CA VAL B 480 0.40 -11.79 14.12
C VAL B 480 1.54 -11.91 13.12
N ARG B 481 1.20 -12.33 11.91
CA ARG B 481 2.22 -12.61 10.90
C ARG B 481 2.22 -11.61 9.76
N HIS B 482 1.08 -10.98 9.51
CA HIS B 482 0.96 -10.04 8.40
C HIS B 482 0.30 -8.72 8.81
N PRO B 483 1.00 -7.91 9.61
CA PRO B 483 0.44 -6.63 10.06
C PRO B 483 0.49 -5.56 8.98
N HIS B 484 -0.48 -4.63 9.01
CA HIS B 484 -0.46 -3.48 8.12
C HIS B 484 0.64 -2.53 8.59
N HIS B 485 1.88 -2.90 8.30
CA HIS B 485 3.04 -2.18 8.79
C HIS B 485 4.10 -2.14 7.69
N ARG B 486 4.34 -0.96 7.13
CA ARG B 486 5.19 -0.80 5.96
C ARG B 486 6.63 -1.32 6.11
N PRO B 487 7.29 -1.04 7.26
CA PRO B 487 8.63 -1.62 7.39
C PRO B 487 8.64 -3.15 7.38
N SER B 488 7.58 -3.76 7.91
CA SER B 488 7.48 -5.21 7.95
C SER B 488 7.16 -5.79 6.58
N VAL B 489 6.30 -5.10 5.84
CA VAL B 489 5.91 -5.53 4.51
C VAL B 489 7.05 -5.34 3.51
N ALA B 490 7.75 -4.22 3.64
CA ALA B 490 8.82 -3.87 2.70
C ALA B 490 10.08 -4.72 2.90
N ALA B 491 10.30 -5.17 4.14
CA ALA B 491 11.46 -5.99 4.45
C ALA B 491 11.39 -7.34 3.72
N ASP B 492 12.55 -7.90 3.39
CA ASP B 492 12.61 -9.12 2.60
C ASP B 492 12.32 -10.36 3.42
N VAL B 493 12.37 -10.24 4.74
CA VAL B 493 12.09 -11.37 5.62
C VAL B 493 10.59 -11.69 5.64
N ASP B 494 10.27 -12.94 5.92
CA ASP B 494 8.87 -13.38 5.91
C ASP B 494 8.27 -13.43 7.31
N HIS B 495 8.75 -12.53 8.18
CA HIS B 495 8.15 -12.34 9.49
C HIS B 495 8.30 -10.88 9.89
N PRO B 496 7.27 -10.32 10.55
CA PRO B 496 7.24 -8.87 10.82
C PRO B 496 8.09 -8.44 12.01
N VAL B 497 8.18 -7.13 12.21
CA VAL B 497 8.82 -6.56 13.38
C VAL B 497 8.14 -7.07 14.65
N PRO B 498 8.92 -7.64 15.58
CA PRO B 498 8.37 -8.24 16.80
C PRO B 498 7.89 -7.21 17.81
N GLY B 499 6.90 -7.60 18.62
CA GLY B 499 6.44 -6.77 19.73
C GLY B 499 5.39 -5.73 19.37
N MET B 500 4.77 -5.88 18.21
CA MET B 500 3.77 -4.93 17.76
C MET B 500 2.36 -5.37 18.13
N VAL B 501 1.65 -4.50 18.85
CA VAL B 501 0.27 -4.77 19.22
C VAL B 501 -0.67 -4.27 18.12
N VAL B 502 -1.40 -5.19 17.51
CA VAL B 502 -2.31 -4.83 16.42
C VAL B 502 -3.63 -4.28 16.96
N GLY B 503 -4.40 -3.66 16.08
CA GLY B 503 -5.64 -3.00 16.46
C GLY B 503 -6.68 -3.92 17.07
N GLY B 504 -6.84 -5.11 16.49
CA GLY B 504 -7.79 -6.07 16.99
C GLY B 504 -9.09 -6.05 16.21
N PRO B 505 -10.03 -6.94 16.57
CA PRO B 505 -11.32 -7.09 15.89
C PRO B 505 -12.12 -5.80 15.81
N ASN B 506 -12.67 -5.52 14.63
CA ASN B 506 -13.47 -4.32 14.40
C ASN B 506 -14.78 -4.68 13.72
N ARG B 507 -15.88 -4.55 14.46
CA ARG B 507 -17.20 -4.97 13.99
C ARG B 507 -17.70 -4.15 12.79
N HIS B 508 -17.17 -2.94 12.63
CA HIS B 508 -17.64 -2.04 11.58
C HIS B 508 -17.17 -2.43 10.20
N LEU B 509 -16.20 -3.34 10.13
CA LEU B 509 -15.63 -3.82 8.88
C LEU B 509 -15.21 -2.65 7.98
N GLN B 510 -14.18 -1.94 8.42
CA GLN B 510 -13.79 -0.69 7.78
C GLN B 510 -12.60 -0.82 6.84
N ASP B 511 -12.51 -1.97 6.19
CA ASP B 511 -11.62 -2.14 5.05
C ASP B 511 -12.17 -3.22 4.12
N GLU B 512 -11.59 -3.30 2.93
CA GLU B 512 -12.08 -4.18 1.86
C GLU B 512 -11.98 -5.66 2.25
N ILE B 513 -10.85 -6.03 2.85
CA ILE B 513 -10.64 -7.41 3.28
C ILE B 513 -11.66 -7.80 4.37
N ALA B 514 -11.80 -6.95 5.38
CA ALA B 514 -12.74 -7.20 6.47
C ALA B 514 -14.17 -7.37 5.97
N ARG B 515 -14.60 -6.50 5.07
CA ARG B 515 -15.96 -6.56 4.52
C ARG B 515 -16.18 -7.85 3.73
N ALA B 516 -15.16 -8.28 3.00
CA ALA B 516 -15.28 -9.46 2.14
C ALA B 516 -15.17 -10.76 2.93
N GLN B 517 -14.35 -10.75 3.98
CA GLN B 517 -14.01 -11.98 4.71
C GLN B 517 -14.75 -12.15 6.03
N LEU B 518 -15.11 -11.05 6.68
CA LEU B 518 -15.58 -11.09 8.07
C LEU B 518 -17.05 -10.71 8.26
N ALA B 519 -17.80 -10.69 7.17
CA ALA B 519 -19.21 -10.33 7.23
C ALA B 519 -20.04 -11.39 7.96
N GLY B 520 -20.80 -10.97 8.97
CA GLY B 520 -21.73 -11.85 9.66
C GLY B 520 -21.15 -12.56 10.87
N ARG B 521 -19.92 -12.22 11.23
CA ARG B 521 -19.24 -12.84 12.37
C ARG B 521 -19.44 -12.01 13.63
N PRO B 522 -19.39 -12.66 14.81
CA PRO B 522 -19.43 -11.96 16.09
C PRO B 522 -18.33 -10.92 16.19
N ALA B 523 -18.54 -9.87 16.99
CA ALA B 523 -17.63 -8.73 17.07
C ALA B 523 -16.20 -9.12 17.39
N MET B 524 -16.02 -10.06 18.31
CA MET B 524 -14.69 -10.49 18.73
C MET B 524 -13.96 -11.28 17.65
N GLU B 525 -14.72 -11.77 16.67
CA GLU B 525 -14.13 -12.56 15.58
C GLU B 525 -13.95 -11.70 14.33
N ALA B 526 -14.23 -10.40 14.45
CA ALA B 526 -14.11 -9.47 13.33
C ALA B 526 -12.66 -9.03 13.11
N TYR B 527 -11.75 -10.00 13.10
CA TYR B 527 -10.34 -9.73 12.87
C TYR B 527 -9.77 -10.70 11.84
N ILE B 528 -8.79 -10.24 11.06
CA ILE B 528 -8.09 -11.12 10.14
C ILE B 528 -6.62 -10.70 10.01
N ASP B 529 -5.72 -11.68 10.06
CA ASP B 529 -4.30 -11.41 9.96
C ASP B 529 -3.91 -11.20 8.50
N HIS B 530 -4.29 -10.05 7.96
CA HIS B 530 -4.04 -9.72 6.56
C HIS B 530 -3.37 -8.35 6.48
N GLN B 531 -2.35 -8.21 5.65
CA GLN B 531 -1.56 -6.98 5.60
C GLN B 531 -2.33 -5.80 5.02
N ASP B 532 -3.48 -6.09 4.39
CA ASP B 532 -4.30 -5.03 3.79
C ASP B 532 -5.50 -4.67 4.67
N SER B 533 -5.72 -5.45 5.72
CA SER B 533 -6.80 -5.17 6.67
C SER B 533 -6.33 -4.14 7.70
N TYR B 534 -6.33 -2.87 7.29
CA TYR B 534 -5.79 -1.80 8.13
C TYR B 534 -6.72 -1.42 9.28
N SER B 535 -7.97 -1.84 9.21
CA SER B 535 -8.94 -1.51 10.25
C SER B 535 -9.00 -2.58 11.34
N THR B 536 -8.25 -3.68 11.15
CA THR B 536 -8.20 -4.75 12.15
C THR B 536 -6.77 -5.16 12.49
N ASN B 537 -5.87 -5.01 11.53
CA ASN B 537 -4.51 -5.55 11.68
C ASN B 537 -3.41 -4.49 11.52
N GLU B 538 -3.71 -3.25 11.90
CA GLU B 538 -2.72 -2.18 11.86
C GLU B 538 -2.03 -2.07 13.22
N VAL B 539 -0.92 -1.32 13.28
CA VAL B 539 -0.23 -1.10 14.54
C VAL B 539 -0.22 0.40 14.85
N ALA B 540 0.19 0.76 16.07
CA ALA B 540 0.28 2.16 16.47
C ALA B 540 1.10 2.32 17.74
N VAL B 541 1.73 3.48 17.89
CA VAL B 541 2.53 3.79 19.07
C VAL B 541 1.65 3.99 20.30
N TYR B 542 0.42 4.44 20.07
CA TYR B 542 -0.52 4.64 21.16
C TYR B 542 -1.36 3.39 21.40
N TRP B 543 -0.99 2.31 20.74
CA TRP B 543 -1.59 1.01 21.00
C TRP B 543 -0.62 0.15 21.80
N ASN B 544 0.67 0.35 21.58
CA ASN B 544 1.71 -0.35 22.33
C ASN B 544 1.92 0.27 23.71
N SER B 545 1.75 1.57 23.80
CA SER B 545 2.00 2.29 25.05
C SER B 545 1.06 1.88 26.21
N PRO B 546 -0.25 1.66 25.94
CA PRO B 546 -1.02 1.16 27.08
C PRO B 546 -0.71 -0.30 27.38
N ALA B 547 -0.25 -1.03 26.35
CA ALA B 547 0.16 -2.42 26.54
C ALA B 547 1.39 -2.49 27.44
N VAL B 548 2.31 -1.55 27.23
CA VAL B 548 3.50 -1.44 28.07
C VAL B 548 3.10 -1.24 29.54
N PHE B 549 2.13 -0.37 29.76
CA PHE B 549 1.67 -0.06 31.12
C PHE B 549 1.07 -1.28 31.81
N VAL B 550 0.15 -1.95 31.13
CA VAL B 550 -0.57 -3.09 31.71
C VAL B 550 0.36 -4.26 32.00
N ILE B 551 1.20 -4.61 31.03
CA ILE B 551 2.12 -5.73 31.19
C ILE B 551 3.15 -5.44 32.29
N ALA B 552 3.57 -4.19 32.39
CA ALA B 552 4.49 -3.78 33.45
C ALA B 552 3.84 -3.94 34.81
N ALA B 553 2.53 -3.70 34.86
CA ALA B 553 1.77 -3.83 36.10
C ALA B 553 1.73 -5.28 36.59
N LEU B 554 1.57 -6.21 35.64
CA LEU B 554 1.52 -7.62 35.97
C LEU B 554 2.85 -8.13 36.50
N LEU B 555 3.94 -7.54 36.00
CA LEU B 555 5.28 -7.93 36.43
C LEU B 555 5.66 -7.30 37.78
N GLU B 556 4.74 -6.52 38.33
CA GLU B 556 4.97 -5.88 39.63
C GLU B 556 4.02 -6.45 40.69
N ALA B 557 4.32 -7.65 41.16
CA ALA B 557 3.51 -8.29 42.20
C ALA B 557 4.32 -9.36 42.93
CA CA C . -3.98 -11.11 -37.63
ZN ZN D . -17.84 5.95 -22.01
C1 MPD E . 34.82 16.41 -17.26
C2 MPD E . 34.57 17.06 -15.92
O2 MPD E . 34.05 18.34 -16.19
CM MPD E . 33.51 16.29 -15.18
C3 MPD E . 35.88 17.28 -15.16
C4 MPD E . 36.51 16.17 -14.30
O4 MPD E . 35.66 15.66 -13.30
C5 MPD E . 37.10 15.04 -15.13
C1 MPD F . 6.86 -8.68 -31.50
C2 MPD F . 8.25 -8.98 -32.02
O2 MPD F . 8.41 -8.44 -33.32
CM MPD F . 9.24 -8.36 -31.09
C3 MPD F . 8.51 -10.46 -32.03
C4 MPD F . 9.78 -10.74 -32.80
O4 MPD F . 10.60 -11.58 -32.04
C5 MPD F . 9.43 -11.40 -34.10
CA CA G . -11.37 15.43 23.00
ZN ZN H . 11.12 8.52 9.03
C1 MPD I . -8.23 -35.35 31.23
C2 MPD I . -9.16 -36.54 31.43
O2 MPD I . -10.39 -36.19 30.83
CM MPD I . -8.63 -37.73 30.67
C3 MPD I . -9.46 -36.82 32.91
C4 MPD I . -8.41 -37.41 33.85
O4 MPD I . -7.65 -38.48 33.32
C5 MPD I . -7.47 -36.34 34.40
#